data_437D
# 
_entry.id   437D 
# 
_audit_conform.dict_name       mmcif_pdbx.dic 
_audit_conform.dict_version    5.387 
_audit_conform.dict_location   http://mmcif.pdb.org/dictionaries/ascii/mmcif_pdbx.dic 
# 
loop_
_database_2.database_id 
_database_2.database_code 
_database_2.pdbx_database_accession 
_database_2.pdbx_DOI 
PDB   437D         pdb_0000437d 10.2210/pdb437d/pdb 
RCSB  UR0004       ?            ?                   
WWPDB D_1000179231 ?            ?                   
# 
loop_
_pdbx_audit_revision_history.ordinal 
_pdbx_audit_revision_history.data_content_type 
_pdbx_audit_revision_history.major_revision 
_pdbx_audit_revision_history.minor_revision 
_pdbx_audit_revision_history.revision_date 
1 'Structure model' 1 0 1998-12-03 
2 'Structure model' 1 1 2008-05-22 
3 'Structure model' 1 2 2011-07-13 
4 'Structure model' 1 3 2011-11-16 
5 'Structure model' 1 4 2024-02-28 
# 
_pdbx_audit_revision_details.ordinal             1 
_pdbx_audit_revision_details.revision_ordinal    1 
_pdbx_audit_revision_details.data_content_type   'Structure model' 
_pdbx_audit_revision_details.provider            repository 
_pdbx_audit_revision_details.type                'Initial release' 
_pdbx_audit_revision_details.description         ? 
_pdbx_audit_revision_details.details             ? 
# 
loop_
_pdbx_audit_revision_group.ordinal 
_pdbx_audit_revision_group.revision_ordinal 
_pdbx_audit_revision_group.data_content_type 
_pdbx_audit_revision_group.group 
1 2 'Structure model' 'Version format compliance' 
2 3 'Structure model' 'Version format compliance' 
3 4 'Structure model' 'Atomic model'              
4 5 'Structure model' 'Data collection'           
5 5 'Structure model' 'Database references'       
6 5 'Structure model' 'Derived calculations'      
# 
loop_
_pdbx_audit_revision_category.ordinal 
_pdbx_audit_revision_category.revision_ordinal 
_pdbx_audit_revision_category.data_content_type 
_pdbx_audit_revision_category.category 
1 5 'Structure model' chem_comp_atom         
2 5 'Structure model' chem_comp_bond         
3 5 'Structure model' database_2             
4 5 'Structure model' pdbx_struct_conn_angle 
5 5 'Structure model' struct_conn            
6 5 'Structure model' struct_conn_type       
7 5 'Structure model' struct_site            
# 
loop_
_pdbx_audit_revision_item.ordinal 
_pdbx_audit_revision_item.revision_ordinal 
_pdbx_audit_revision_item.data_content_type 
_pdbx_audit_revision_item.item 
1  5 'Structure model' '_database_2.pdbx_DOI'                        
2  5 'Structure model' '_database_2.pdbx_database_accession'         
3  5 'Structure model' '_pdbx_struct_conn_angle.ptnr1_auth_comp_id'  
4  5 'Structure model' '_pdbx_struct_conn_angle.ptnr1_auth_seq_id'   
5  5 'Structure model' '_pdbx_struct_conn_angle.ptnr1_label_asym_id' 
6  5 'Structure model' '_pdbx_struct_conn_angle.ptnr1_label_atom_id' 
7  5 'Structure model' '_pdbx_struct_conn_angle.ptnr1_label_comp_id' 
8  5 'Structure model' '_pdbx_struct_conn_angle.ptnr1_label_seq_id'  
9  5 'Structure model' '_pdbx_struct_conn_angle.ptnr3_auth_comp_id'  
10 5 'Structure model' '_pdbx_struct_conn_angle.ptnr3_auth_seq_id'   
11 5 'Structure model' '_pdbx_struct_conn_angle.ptnr3_label_asym_id' 
12 5 'Structure model' '_pdbx_struct_conn_angle.ptnr3_label_atom_id' 
13 5 'Structure model' '_pdbx_struct_conn_angle.ptnr3_label_comp_id' 
14 5 'Structure model' '_pdbx_struct_conn_angle.ptnr3_label_seq_id'  
15 5 'Structure model' '_pdbx_struct_conn_angle.value'               
16 5 'Structure model' '_struct_conn.conn_type_id'                   
17 5 'Structure model' '_struct_conn.id'                             
18 5 'Structure model' '_struct_conn.pdbx_dist_value'                
19 5 'Structure model' '_struct_conn.pdbx_leaving_atom_flag'         
20 5 'Structure model' '_struct_conn.ptnr1_auth_comp_id'             
21 5 'Structure model' '_struct_conn.ptnr1_auth_seq_id'              
22 5 'Structure model' '_struct_conn.ptnr1_label_asym_id'            
23 5 'Structure model' '_struct_conn.ptnr1_label_atom_id'            
24 5 'Structure model' '_struct_conn.ptnr1_label_comp_id'            
25 5 'Structure model' '_struct_conn.ptnr1_label_seq_id'             
26 5 'Structure model' '_struct_conn.ptnr2_auth_comp_id'             
27 5 'Structure model' '_struct_conn.ptnr2_auth_seq_id'              
28 5 'Structure model' '_struct_conn.ptnr2_label_asym_id'            
29 5 'Structure model' '_struct_conn.ptnr2_label_atom_id'            
30 5 'Structure model' '_struct_conn.ptnr2_label_comp_id'            
31 5 'Structure model' '_struct_conn.ptnr2_label_seq_id'             
32 5 'Structure model' '_struct_conn_type.id'                        
33 5 'Structure model' '_struct_site.pdbx_auth_asym_id'              
34 5 'Structure model' '_struct_site.pdbx_auth_comp_id'              
35 5 'Structure model' '_struct_site.pdbx_auth_seq_id'               
# 
_pdbx_database_status.status_code                     REL 
_pdbx_database_status.entry_id                        437D 
_pdbx_database_status.recvd_initial_deposition_date   1998-11-24 
_pdbx_database_status.deposit_site                    NDB 
_pdbx_database_status.process_site                    NDB 
_pdbx_database_status.status_code_sf                  REL 
_pdbx_database_status.status_code_mr                  ? 
_pdbx_database_status.SG_entry                        ? 
_pdbx_database_status.pdb_format_compatible           Y 
_pdbx_database_status.status_code_cs                  ? 
_pdbx_database_status.status_code_nmr_data            ? 
_pdbx_database_status.methods_development_category    ? 
# 
loop_
_audit_author.name 
_audit_author.pdbx_ordinal 
'Su, L.'       1 
'Chen, L.'     2 
'Egli, M.'     3 
'Berger, J.M.' 4 
'Rich, A.'     5 
# 
_citation.id                        primary 
_citation.title                     
'Minor groove RNA triplex in the crystal structure of a ribosomal frameshifting viral pseudoknot.' 
_citation.journal_abbrev            Nat.Struct.Biol. 
_citation.journal_volume            6 
_citation.page_first                285 
_citation.page_last                 292 
_citation.year                      1999 
_citation.journal_id_ASTM           NSBIEW 
_citation.country                   US 
_citation.journal_id_ISSN           1072-8368 
_citation.journal_id_CSD            2024 
_citation.book_publisher            ? 
_citation.pdbx_database_id_PubMed   10074948 
_citation.pdbx_database_id_DOI      10.1038/6722 
# 
loop_
_citation_author.citation_id 
_citation_author.name 
_citation_author.ordinal 
_citation_author.identifier_ORCID 
primary 'Su, L.'       1 ? 
primary 'Chen, L.'     2 ? 
primary 'Egli, M.'     3 ? 
primary 'Berger, J.M.' 4 ? 
primary 'Rich, A.'     5 ? 
# 
loop_
_entity.id 
_entity.type 
_entity.src_method 
_entity.pdbx_description 
_entity.formula_weight 
_entity.pdbx_number_of_molecules 
_entity.pdbx_ec 
_entity.pdbx_mutation 
_entity.pdbx_fragment 
_entity.details 
1 polymer     syn 'RNA PSEUDOKNOT' 9245.484 1   ? ? ? ? 
2 non-polymer syn 'MAGNESIUM ION'  24.305   1   ? ? ? ? 
3 non-polymer syn 'SODIUM ION'     22.990   1   ? ? ? ? 
4 water       nat water            18.015   124 ? ? ? ? 
# 
_entity_poly.entity_id                      1 
_entity_poly.type                           polyribonucleotide 
_entity_poly.nstd_linkage                   no 
_entity_poly.nstd_monomer                   yes 
_entity_poly.pdbx_seq_one_letter_code       '(GTP)GCGCGGCACCGUCCGCGGAACAAACGG' 
_entity_poly.pdbx_seq_one_letter_code_can   GGCGCGGCACCGUCCGCGGAACAAACGG 
_entity_poly.pdbx_strand_id                 A 
_entity_poly.pdbx_target_identifier         ? 
# 
loop_
_pdbx_entity_nonpoly.entity_id 
_pdbx_entity_nonpoly.name 
_pdbx_entity_nonpoly.comp_id 
2 'MAGNESIUM ION' MG  
3 'SODIUM ION'    NA  
4 water           HOH 
# 
loop_
_entity_poly_seq.entity_id 
_entity_poly_seq.num 
_entity_poly_seq.mon_id 
_entity_poly_seq.hetero 
1 1  GTP n 
1 2  G   n 
1 3  C   n 
1 4  G   n 
1 5  C   n 
1 6  G   n 
1 7  G   n 
1 8  C   n 
1 9  A   n 
1 10 C   n 
1 11 C   n 
1 12 G   n 
1 13 U   n 
1 14 C   n 
1 15 C   n 
1 16 G   n 
1 17 C   n 
1 18 G   n 
1 19 G   n 
1 20 A   n 
1 21 A   n 
1 22 C   n 
1 23 A   n 
1 24 A   n 
1 25 A   n 
1 26 C   n 
1 27 G   n 
1 28 G   n 
# 
_pdbx_entity_src_syn.entity_id              1 
_pdbx_entity_src_syn.pdbx_src_id            1 
_pdbx_entity_src_syn.pdbx_alt_source_flag   sample 
_pdbx_entity_src_syn.pdbx_beg_seq_num       ? 
_pdbx_entity_src_syn.pdbx_end_seq_num       ? 
_pdbx_entity_src_syn.organism_scientific    ? 
_pdbx_entity_src_syn.organism_common_name   ? 
_pdbx_entity_src_syn.ncbi_taxonomy_id       ? 
_pdbx_entity_src_syn.details                'RNA SEQUENCE TAKEN FROM BEET WESTERN YELLOW VIRUS' 
# 
loop_
_chem_comp.id 
_chem_comp.type 
_chem_comp.mon_nstd_flag 
_chem_comp.name 
_chem_comp.pdbx_synonyms 
_chem_comp.formula 
_chem_comp.formula_weight 
A   'RNA linking' y "ADENOSINE-5'-MONOPHOSPHATE" ? 'C10 H14 N5 O7 P'   347.221 
C   'RNA linking' y "CYTIDINE-5'-MONOPHOSPHATE"  ? 'C9 H14 N3 O8 P'    323.197 
G   'RNA linking' y "GUANOSINE-5'-MONOPHOSPHATE" ? 'C10 H14 N5 O8 P'   363.221 
GTP non-polymer   n "GUANOSINE-5'-TRIPHOSPHATE"  ? 'C10 H16 N5 O14 P3' 523.180 
HOH non-polymer   . WATER                        ? 'H2 O'              18.015  
MG  non-polymer   . 'MAGNESIUM ION'              ? 'Mg 2'              24.305  
NA  non-polymer   . 'SODIUM ION'                 ? 'Na 1'              22.990  
U   'RNA linking' y "URIDINE-5'-MONOPHOSPHATE"   ? 'C9 H13 N2 O9 P'    324.181 
# 
loop_
_pdbx_poly_seq_scheme.asym_id 
_pdbx_poly_seq_scheme.entity_id 
_pdbx_poly_seq_scheme.seq_id 
_pdbx_poly_seq_scheme.mon_id 
_pdbx_poly_seq_scheme.ndb_seq_num 
_pdbx_poly_seq_scheme.pdb_seq_num 
_pdbx_poly_seq_scheme.auth_seq_num 
_pdbx_poly_seq_scheme.pdb_mon_id 
_pdbx_poly_seq_scheme.auth_mon_id 
_pdbx_poly_seq_scheme.pdb_strand_id 
_pdbx_poly_seq_scheme.pdb_ins_code 
_pdbx_poly_seq_scheme.hetero 
A 1 1  GTP 1  1  1  GTP GTP A . n 
A 1 2  G   2  2  2  G   G   A . n 
A 1 3  C   3  3  3  C   C   A . n 
A 1 4  G   4  4  4  G   G   A . n 
A 1 5  C   5  5  5  C   C   A . n 
A 1 6  G   6  6  6  G   G   A . n 
A 1 7  G   7  7  7  G   G   A . n 
A 1 8  C   8  8  8  C   C   A . n 
A 1 9  A   9  9  9  A   A   A . n 
A 1 10 C   10 10 10 C   C   A . n 
A 1 11 C   11 11 11 C   C   A . n 
A 1 12 G   12 12 12 G   G   A . n 
A 1 13 U   13 13 13 U   U   A . n 
A 1 14 C   14 14 14 C   C   A . n 
A 1 15 C   15 15 15 C   C   A . n 
A 1 16 G   16 16 16 G   G   A . n 
A 1 17 C   17 17 17 C   C   A . n 
A 1 18 G   18 18 18 G   G   A . n 
A 1 19 G   19 19 19 G   G   A . n 
A 1 20 A   20 20 20 A   A   A . n 
A 1 21 A   21 21 21 A   A   A . n 
A 1 22 C   22 22 22 C   C   A . n 
A 1 23 A   23 23 23 A   A   A . n 
A 1 24 A   24 24 24 A   A   A . n 
A 1 25 A   25 25 25 A   A   A . n 
A 1 26 C   26 26 26 C   C   A . n 
A 1 27 G   27 27 27 G   G   A . n 
A 1 28 G   28 28 28 G   G   A . n 
# 
loop_
_pdbx_nonpoly_scheme.asym_id 
_pdbx_nonpoly_scheme.entity_id 
_pdbx_nonpoly_scheme.mon_id 
_pdbx_nonpoly_scheme.ndb_seq_num 
_pdbx_nonpoly_scheme.pdb_seq_num 
_pdbx_nonpoly_scheme.auth_seq_num 
_pdbx_nonpoly_scheme.pdb_mon_id 
_pdbx_nonpoly_scheme.auth_mon_id 
_pdbx_nonpoly_scheme.pdb_strand_id 
_pdbx_nonpoly_scheme.pdb_ins_code 
B 2 MG  1   100 100 MG  MG  A . 
C 3 NA  1   101 101 NA  NA  A . 
D 4 HOH 1   102 102 HOH HOH A . 
D 4 HOH 2   103 103 HOH HOH A . 
D 4 HOH 3   104 104 HOH HOH A . 
D 4 HOH 4   105 105 HOH HOH A . 
D 4 HOH 5   106 106 HOH HOH A . 
D 4 HOH 6   107 107 HOH HOH A . 
D 4 HOH 7   108 108 HOH HOH A . 
D 4 HOH 8   109 109 HOH HOH A . 
D 4 HOH 9   110 110 HOH HOH A . 
D 4 HOH 10  111 111 HOH HOH A . 
D 4 HOH 11  112 112 HOH HOH A . 
D 4 HOH 12  113 113 HOH HOH A . 
D 4 HOH 13  114 114 HOH HOH A . 
D 4 HOH 14  115 115 HOH HOH A . 
D 4 HOH 15  116 116 HOH HOH A . 
D 4 HOH 16  117 117 HOH HOH A . 
D 4 HOH 17  118 118 HOH HOH A . 
D 4 HOH 18  119 119 HOH HOH A . 
D 4 HOH 19  120 120 HOH HOH A . 
D 4 HOH 20  121 121 HOH HOH A . 
D 4 HOH 21  122 122 HOH HOH A . 
D 4 HOH 22  123 123 HOH HOH A . 
D 4 HOH 23  124 124 HOH HOH A . 
D 4 HOH 24  125 125 HOH HOH A . 
D 4 HOH 25  126 126 HOH HOH A . 
D 4 HOH 26  127 127 HOH HOH A . 
D 4 HOH 27  128 128 HOH HOH A . 
D 4 HOH 28  129 129 HOH HOH A . 
D 4 HOH 29  130 130 HOH HOH A . 
D 4 HOH 30  131 131 HOH HOH A . 
D 4 HOH 31  132 132 HOH HOH A . 
D 4 HOH 32  134 134 HOH HOH A . 
D 4 HOH 33  135 135 HOH HOH A . 
D 4 HOH 34  136 136 HOH HOH A . 
D 4 HOH 35  137 137 HOH HOH A . 
D 4 HOH 36  138 138 HOH HOH A . 
D 4 HOH 37  139 139 HOH HOH A . 
D 4 HOH 38  140 140 HOH HOH A . 
D 4 HOH 39  141 141 HOH HOH A . 
D 4 HOH 40  142 142 HOH HOH A . 
D 4 HOH 41  143 143 HOH HOH A . 
D 4 HOH 42  144 144 HOH HOH A . 
D 4 HOH 43  145 145 HOH HOH A . 
D 4 HOH 44  146 146 HOH HOH A . 
D 4 HOH 45  147 147 HOH HOH A . 
D 4 HOH 46  148 148 HOH HOH A . 
D 4 HOH 47  149 149 HOH HOH A . 
D 4 HOH 48  150 150 HOH HOH A . 
D 4 HOH 49  151 151 HOH HOH A . 
D 4 HOH 50  152 152 HOH HOH A . 
D 4 HOH 51  154 154 HOH HOH A . 
D 4 HOH 52  155 155 HOH HOH A . 
D 4 HOH 53  156 156 HOH HOH A . 
D 4 HOH 54  157 157 HOH HOH A . 
D 4 HOH 55  158 158 HOH HOH A . 
D 4 HOH 56  159 159 HOH HOH A . 
D 4 HOH 57  160 160 HOH HOH A . 
D 4 HOH 58  161 161 HOH HOH A . 
D 4 HOH 59  162 162 HOH HOH A . 
D 4 HOH 60  163 163 HOH HOH A . 
D 4 HOH 61  164 164 HOH HOH A . 
D 4 HOH 62  165 165 HOH HOH A . 
D 4 HOH 63  167 167 HOH HOH A . 
D 4 HOH 64  168 168 HOH HOH A . 
D 4 HOH 65  169 169 HOH HOH A . 
D 4 HOH 66  170 170 HOH HOH A . 
D 4 HOH 67  171 171 HOH HOH A . 
D 4 HOH 68  172 172 HOH HOH A . 
D 4 HOH 69  173 173 HOH HOH A . 
D 4 HOH 70  174 174 HOH HOH A . 
D 4 HOH 71  175 175 HOH HOH A . 
D 4 HOH 72  177 177 HOH HOH A . 
D 4 HOH 73  178 178 HOH HOH A . 
D 4 HOH 74  179 179 HOH HOH A . 
D 4 HOH 75  180 180 HOH HOH A . 
D 4 HOH 76  181 181 HOH HOH A . 
D 4 HOH 77  182 182 HOH HOH A . 
D 4 HOH 78  183 183 HOH HOH A . 
D 4 HOH 79  185 185 HOH HOH A . 
D 4 HOH 80  186 186 HOH HOH A . 
D 4 HOH 81  187 187 HOH HOH A . 
D 4 HOH 82  188 188 HOH HOH A . 
D 4 HOH 83  190 190 HOH HOH A . 
D 4 HOH 84  191 191 HOH HOH A . 
D 4 HOH 85  192 192 HOH HOH A . 
D 4 HOH 86  193 193 HOH HOH A . 
D 4 HOH 87  194 194 HOH HOH A . 
D 4 HOH 88  195 195 HOH HOH A . 
D 4 HOH 89  196 196 HOH HOH A . 
D 4 HOH 90  197 197 HOH HOH A . 
D 4 HOH 91  198 198 HOH HOH A . 
D 4 HOH 92  199 199 HOH HOH A . 
D 4 HOH 93  200 200 HOH HOH A . 
D 4 HOH 94  202 202 HOH HOH A . 
D 4 HOH 95  203 203 HOH HOH A . 
D 4 HOH 96  205 205 HOH HOH A . 
D 4 HOH 97  206 206 HOH HOH A . 
D 4 HOH 98  209 209 HOH HOH A . 
D 4 HOH 99  210 210 HOH HOH A . 
D 4 HOH 100 212 212 HOH HOH A . 
D 4 HOH 101 214 214 HOH HOH A . 
D 4 HOH 102 216 216 HOH HOH A . 
D 4 HOH 103 217 217 HOH HOH A . 
D 4 HOH 104 218 218 HOH HOH A . 
D 4 HOH 105 219 219 HOH HOH A . 
D 4 HOH 106 220 220 HOH HOH A . 
D 4 HOH 107 221 221 HOH HOH A . 
D 4 HOH 108 222 222 HOH HOH A . 
D 4 HOH 109 223 223 HOH HOH A . 
D 4 HOH 110 224 224 HOH HOH A . 
D 4 HOH 111 225 225 HOH HOH A . 
D 4 HOH 112 226 226 HOH HOH A . 
D 4 HOH 113 228 228 HOH HOH A . 
D 4 HOH 114 229 229 HOH HOH A . 
D 4 HOH 115 230 230 HOH HOH A . 
D 4 HOH 116 232 232 HOH HOH A . 
D 4 HOH 117 233 233 HOH HOH A . 
D 4 HOH 118 234 234 HOH HOH A . 
D 4 HOH 119 235 235 HOH HOH A . 
D 4 HOH 120 236 236 HOH HOH A . 
D 4 HOH 121 237 237 HOH HOH A . 
D 4 HOH 122 238 238 HOH HOH A . 
D 4 HOH 123 239 239 HOH HOH A . 
D 4 HOH 124 240 240 HOH HOH A . 
# 
loop_
_software.name 
_software.classification 
_software.version 
_software.citation_id 
_software.pdbx_ordinal 
MIRAS     'model building' . ? 1 
CNS       refinement       . ? 2 
DENZO     'data reduction' . ? 3 
SCALEPACK 'data scaling'   . ? 4 
# 
_cell.entry_id           437D 
_cell.length_a           30.080 
_cell.length_b           30.080 
_cell.length_c           140.080 
_cell.angle_alpha        90.00 
_cell.angle_beta         90.00 
_cell.angle_gamma        120.00 
_cell.Z_PDB              6 
_cell.pdbx_unique_axis   ? 
# 
_symmetry.entry_id                         437D 
_symmetry.space_group_name_H-M             'P 32 2 1' 
_symmetry.pdbx_full_space_group_name_H-M   ? 
_symmetry.cell_setting                     trigonal 
_symmetry.Int_Tables_number                154 
# 
_exptl.entry_id          437D 
_exptl.method            'X-RAY DIFFRACTION' 
_exptl.crystals_number   1 
# 
_exptl_crystal.id                    1 
_exptl_crystal.density_meas          ? 
_exptl_crystal.density_Matthews      1.98 
_exptl_crystal.density_percent_sol   43 
_exptl_crystal.description           ? 
# 
_exptl_crystal_grow.crystal_id      1 
_exptl_crystal_grow.method          'VAPOR DIFFUSION, SITTING DROP' 
_exptl_crystal_grow.temp            298 
_exptl_crystal_grow.temp_details    ? 
_exptl_crystal_grow.pH              7.0 
_exptl_crystal_grow.pdbx_details    'pH 7.0, VAPOR DIFFUSION, SITTING DROP, temperature 298K' 
_exptl_crystal_grow.pdbx_pH_range   ? 
# 
loop_
_exptl_crystal_grow_comp.crystal_id 
_exptl_crystal_grow_comp.id 
_exptl_crystal_grow_comp.sol_id 
_exptl_crystal_grow_comp.name 
_exptl_crystal_grow_comp.volume 
_exptl_crystal_grow_comp.conc 
_exptl_crystal_grow_comp.details 
1 1 1 MGCL2            ? ? ? 
1 2 1 2-BUTANOL        ? ? ? 
1 3 1 'POTASSIUM MOPS' ? ? ? 
1 4 1 SPERMIDINE       ? ? ? 
1 5 2 2-BUTANOL        ? ? ? 
# 
_diffrn.id                     1 
_diffrn.ambient_temp           100 
_diffrn.ambient_temp_details   ? 
_diffrn.crystal_id             1 
# 
_diffrn_detector.diffrn_id              1 
_diffrn_detector.detector               'IMAGE PLATE' 
_diffrn_detector.type                   FUJI 
_diffrn_detector.pdbx_collection_date   1997-06-14 
_diffrn_detector.details                ? 
# 
_diffrn_radiation.diffrn_id                        1 
_diffrn_radiation.wavelength_id                    1 
_diffrn_radiation.pdbx_monochromatic_or_laue_m_l   M 
_diffrn_radiation.monochromator                    ? 
_diffrn_radiation.pdbx_diffrn_protocol             'SINGLE WAVELENGTH' 
_diffrn_radiation.pdbx_scattering_type             x-ray 
# 
_diffrn_radiation_wavelength.id           1 
_diffrn_radiation_wavelength.wavelength   1.1406 
_diffrn_radiation_wavelength.wt           1.0 
# 
_diffrn_source.diffrn_id                   1 
_diffrn_source.source                      SYNCHROTRON 
_diffrn_source.type                        'NSLS BEAMLINE X4A' 
_diffrn_source.pdbx_synchrotron_site       NSLS 
_diffrn_source.pdbx_synchrotron_beamline   X4A 
_diffrn_source.pdbx_wavelength             1.1406 
_diffrn_source.pdbx_wavelength_list        ? 
# 
_reflns.entry_id                     437D 
_reflns.observed_criterion_sigma_I   ? 
_reflns.observed_criterion_sigma_F   2 
_reflns.d_resolution_low             30.0 
_reflns.d_resolution_high            1.6 
_reflns.number_obs                   8793 
_reflns.number_all                   9806 
_reflns.percent_possible_obs         93 
_reflns.pdbx_Rmerge_I_obs            0.0700000 
_reflns.pdbx_Rsym_value              ? 
_reflns.pdbx_netI_over_sigmaI        ? 
_reflns.B_iso_Wilson_estimate        ? 
_reflns.pdbx_redundancy              7.1 
_reflns.R_free_details               ? 
_reflns.pdbx_diffrn_id               1 
_reflns.pdbx_ordinal                 1 
# 
_reflns_shell.d_res_high             1.60 
_reflns_shell.d_res_low              1.66 
_reflns_shell.percent_possible_all   70 
_reflns_shell.Rmerge_I_obs           0.1650000 
_reflns_shell.pdbx_Rsym_value        ? 
_reflns_shell.meanI_over_sigI_obs    ? 
_reflns_shell.pdbx_redundancy        ? 
_reflns_shell.percent_possible_obs   ? 
_reflns_shell.number_unique_all      ? 
_reflns_shell.pdbx_diffrn_id         ? 
_reflns_shell.pdbx_ordinal           1 
# 
_refine.entry_id                                 437D 
_refine.ls_number_reflns_obs                     7877 
_refine.ls_number_reflns_all                     9806 
_refine.pdbx_ls_sigma_I                          ? 
_refine.pdbx_ls_sigma_F                          2 
_refine.pdbx_data_cutoff_high_absF               ? 
_refine.pdbx_data_cutoff_low_absF                ? 
_refine.pdbx_data_cutoff_high_rms_absF           ? 
_refine.ls_d_res_low                             8.0 
_refine.ls_d_res_high                            1.6 
_refine.ls_percent_reflns_obs                    85 
_refine.ls_R_factor_obs                          0.2070000 
_refine.ls_R_factor_all                          ? 
_refine.ls_R_factor_R_work                       0.2070000 
_refine.ls_R_factor_R_free                       0.2540000 
_refine.ls_R_factor_R_free_error                 ? 
_refine.ls_R_factor_R_free_error_details         ? 
_refine.ls_percent_reflns_R_free                 9 
_refine.ls_number_reflns_R_free                  916 
_refine.ls_number_parameters                     ? 
_refine.ls_number_restraints                     ? 
_refine.occupancy_min                            ? 
_refine.occupancy_max                            ? 
_refine.B_iso_mean                               ? 
_refine.aniso_B[1][1]                            -2.456 
_refine.aniso_B[2][2]                            -2.456 
_refine.aniso_B[3][3]                            4.911 
_refine.aniso_B[1][2]                            -0.282 
_refine.aniso_B[1][3]                            0.000 
_refine.aniso_B[2][3]                            0.000 
_refine.solvent_model_details                    ? 
_refine.solvent_model_param_ksol                 ? 
_refine.solvent_model_param_bsol                 ? 
_refine.pdbx_ls_cross_valid_method               ? 
_refine.details                                  ? 
_refine.pdbx_starting_model                      ? 
_refine.pdbx_method_to_determine_struct          ? 
_refine.pdbx_isotropic_thermal_model             ? 
_refine.pdbx_stereochemistry_target_values       ? 
_refine.pdbx_stereochem_target_val_spec_case     ? 
_refine.pdbx_R_Free_selection_details            ? 
_refine.pdbx_overall_ESU_R                       ? 
_refine.pdbx_overall_ESU_R_Free                  ? 
_refine.overall_SU_ML                            ? 
_refine.overall_SU_B                             ? 
_refine.ls_redundancy_reflns_obs                 ? 
_refine.correlation_coeff_Fo_to_Fc               ? 
_refine.correlation_coeff_Fo_to_Fc_free          ? 
_refine.overall_SU_R_Cruickshank_DPI             ? 
_refine.overall_SU_R_free                        ? 
_refine.pdbx_refine_id                           'X-RAY DIFFRACTION' 
_refine.pdbx_diffrn_id                           1 
_refine.pdbx_TLS_residual_ADP_flag               ? 
_refine.pdbx_solvent_vdw_probe_radii             ? 
_refine.pdbx_solvent_ion_probe_radii             ? 
_refine.pdbx_solvent_shrinkage_radii             ? 
_refine.pdbx_overall_phase_error                 ? 
_refine.pdbx_overall_SU_R_free_Cruickshank_DPI   ? 
_refine.pdbx_overall_SU_R_Blow_DPI               ? 
_refine.pdbx_overall_SU_R_free_Blow_DPI          ? 
# 
_refine_hist.pdbx_refine_id                   'X-RAY DIFFRACTION' 
_refine_hist.cycle_id                         LAST 
_refine_hist.pdbx_number_atoms_protein        0 
_refine_hist.pdbx_number_atoms_nucleic_acid   640 
_refine_hist.pdbx_number_atoms_ligand         2 
_refine_hist.number_atoms_solvent             124 
_refine_hist.number_atoms_total               766 
_refine_hist.d_res_high                       1.6 
_refine_hist.d_res_low                        8.0 
# 
loop_
_refine_ls_restr.type 
_refine_ls_restr.dev_ideal 
_refine_ls_restr.dev_ideal_target 
_refine_ls_restr.weight 
_refine_ls_restr.number 
_refine_ls_restr.pdbx_refine_id 
_refine_ls_restr.pdbx_restraint_function 
c_bond_d                0.017 ? ? ? 'X-RAY DIFFRACTION' ? 
c_bond_d_na             ?     ? ? ? 'X-RAY DIFFRACTION' ? 
c_bond_d_prot           ?     ? ? ? 'X-RAY DIFFRACTION' ? 
c_angle_d               ?     ? ? ? 'X-RAY DIFFRACTION' ? 
c_angle_d_na            ?     ? ? ? 'X-RAY DIFFRACTION' ? 
c_angle_d_prot          ?     ? ? ? 'X-RAY DIFFRACTION' ? 
c_angle_deg             1.87  ? ? ? 'X-RAY DIFFRACTION' ? 
c_angle_deg_na          ?     ? ? ? 'X-RAY DIFFRACTION' ? 
c_angle_deg_prot        ?     ? ? ? 'X-RAY DIFFRACTION' ? 
c_dihedral_angle_d      ?     ? ? ? 'X-RAY DIFFRACTION' ? 
c_dihedral_angle_d_na   ?     ? ? ? 'X-RAY DIFFRACTION' ? 
c_dihedral_angle_d_prot ?     ? ? ? 'X-RAY DIFFRACTION' ? 
c_improper_angle_d      ?     ? ? ? 'X-RAY DIFFRACTION' ? 
c_improper_angle_d_na   ?     ? ? ? 'X-RAY DIFFRACTION' ? 
c_improper_angle_d_prot ?     ? ? ? 'X-RAY DIFFRACTION' ? 
c_mcbond_it             ?     ? ? ? 'X-RAY DIFFRACTION' ? 
c_mcangle_it            ?     ? ? ? 'X-RAY DIFFRACTION' ? 
c_scbond_it             ?     ? ? ? 'X-RAY DIFFRACTION' ? 
c_scangle_it            ?     ? ? ? 'X-RAY DIFFRACTION' ? 
# 
_struct.entry_id                  437D 
_struct.title                     
'CRYSTAL STRUCTURE OF AN RNA PSEUDOKNOT FROM BEET WESTERN YELLOW VIRUS INVOLVED IN RIBOSOMAL FRAMESHIFTING' 
_struct.pdbx_model_details        ? 
_struct.pdbx_CASP_flag            ? 
_struct.pdbx_model_type_details   ? 
# 
_struct_keywords.entry_id        437D 
_struct_keywords.pdbx_keywords   RNA 
_struct_keywords.text            'PSEUDOKNOT, RNA, TRIPLEX, VIRAL FRAMESHIFTING' 
# 
loop_
_struct_asym.id 
_struct_asym.pdbx_blank_PDB_chainid_flag 
_struct_asym.pdbx_modified 
_struct_asym.entity_id 
_struct_asym.details 
A N N 1 ? 
B N N 2 ? 
C N N 3 ? 
D N N 4 ? 
# 
_struct_ref.id                         1 
_struct_ref.entity_id                  1 
_struct_ref.db_name                    PDB 
_struct_ref.db_code                    437D 
_struct_ref.pdbx_db_accession          437D 
_struct_ref.pdbx_db_isoform            ? 
_struct_ref.pdbx_seq_one_letter_code   ? 
_struct_ref.pdbx_align_begin           ? 
# 
_struct_ref_seq.align_id                      1 
_struct_ref_seq.ref_id                        1 
_struct_ref_seq.pdbx_PDB_id_code              437D 
_struct_ref_seq.pdbx_strand_id                A 
_struct_ref_seq.seq_align_beg                 1 
_struct_ref_seq.pdbx_seq_align_beg_ins_code   ? 
_struct_ref_seq.seq_align_end                 28 
_struct_ref_seq.pdbx_seq_align_end_ins_code   ? 
_struct_ref_seq.pdbx_db_accession             437D 
_struct_ref_seq.db_align_beg                  1 
_struct_ref_seq.pdbx_db_align_beg_ins_code    ? 
_struct_ref_seq.db_align_end                  28 
_struct_ref_seq.pdbx_db_align_end_ins_code    ? 
_struct_ref_seq.pdbx_auth_seq_align_beg       1 
_struct_ref_seq.pdbx_auth_seq_align_end       28 
# 
_pdbx_struct_assembly.id                   1 
_pdbx_struct_assembly.details              author_defined_assembly 
_pdbx_struct_assembly.method_details       ? 
_pdbx_struct_assembly.oligomeric_details   monomeric 
_pdbx_struct_assembly.oligomeric_count     1 
# 
_pdbx_struct_assembly_gen.assembly_id       1 
_pdbx_struct_assembly_gen.oper_expression   1 
_pdbx_struct_assembly_gen.asym_id_list      A,B,C,D 
# 
_pdbx_struct_oper_list.id                   1 
_pdbx_struct_oper_list.type                 'identity operation' 
_pdbx_struct_oper_list.name                 1_555 
_pdbx_struct_oper_list.symmetry_operation   x,y,z 
_pdbx_struct_oper_list.matrix[1][1]         1.0000000000 
_pdbx_struct_oper_list.matrix[1][2]         0.0000000000 
_pdbx_struct_oper_list.matrix[1][3]         0.0000000000 
_pdbx_struct_oper_list.vector[1]            0.0000000000 
_pdbx_struct_oper_list.matrix[2][1]         0.0000000000 
_pdbx_struct_oper_list.matrix[2][2]         1.0000000000 
_pdbx_struct_oper_list.matrix[2][3]         0.0000000000 
_pdbx_struct_oper_list.vector[2]            0.0000000000 
_pdbx_struct_oper_list.matrix[3][1]         0.0000000000 
_pdbx_struct_oper_list.matrix[3][2]         0.0000000000 
_pdbx_struct_oper_list.matrix[3][3]         1.0000000000 
_pdbx_struct_oper_list.vector[3]            0.0000000000 
# 
_struct_biol.id                    1 
_struct_biol.pdbx_parent_biol_id   ? 
_struct_biol.details               ? 
# 
loop_
_struct_conn.id 
_struct_conn.conn_type_id 
_struct_conn.pdbx_leaving_atom_flag 
_struct_conn.pdbx_PDB_id 
_struct_conn.ptnr1_label_asym_id 
_struct_conn.ptnr1_label_comp_id 
_struct_conn.ptnr1_label_seq_id 
_struct_conn.ptnr1_label_atom_id 
_struct_conn.pdbx_ptnr1_label_alt_id 
_struct_conn.pdbx_ptnr1_PDB_ins_code 
_struct_conn.pdbx_ptnr1_standard_comp_id 
_struct_conn.ptnr1_symmetry 
_struct_conn.ptnr2_label_asym_id 
_struct_conn.ptnr2_label_comp_id 
_struct_conn.ptnr2_label_seq_id 
_struct_conn.ptnr2_label_atom_id 
_struct_conn.pdbx_ptnr2_label_alt_id 
_struct_conn.pdbx_ptnr2_PDB_ins_code 
_struct_conn.ptnr1_auth_asym_id 
_struct_conn.ptnr1_auth_comp_id 
_struct_conn.ptnr1_auth_seq_id 
_struct_conn.ptnr2_auth_asym_id 
_struct_conn.ptnr2_auth_comp_id 
_struct_conn.ptnr2_auth_seq_id 
_struct_conn.ptnr2_symmetry 
_struct_conn.pdbx_ptnr3_label_atom_id 
_struct_conn.pdbx_ptnr3_label_seq_id 
_struct_conn.pdbx_ptnr3_label_comp_id 
_struct_conn.pdbx_ptnr3_label_asym_id 
_struct_conn.pdbx_ptnr3_label_alt_id 
_struct_conn.pdbx_ptnr3_PDB_ins_code 
_struct_conn.details 
_struct_conn.pdbx_dist_value 
_struct_conn.pdbx_value_order 
_struct_conn.pdbx_role 
covale1  covale both ? A GTP 1  "O3'" ? ? ? 1_555 A G   2  P  ? ? A GTP 1   A G   2   1_555 ? ? ? ? ? ? ?             1.570 ? ? 
metalc1  metalc ?    ? A GTP 1  O2B   ? ? ? 1_555 B MG  .  MG ? ? A GTP 1   A MG  100 1_555 ? ? ? ? ? ? ?             2.024 ? ? 
metalc2  metalc ?    ? A GTP 1  O3G   ? ? ? 1_555 B MG  .  MG ? ? A GTP 1   A MG  100 1_555 ? ? ? ? ? ? ?             2.066 ? ? 
metalc3  metalc ?    ? A G   2  OP1   ? ? ? 1_555 B MG  .  MG ? ? A G   2   A MG  100 1_555 ? ? ? ? ? ? ?             2.071 ? ? 
metalc4  metalc ?    ? A G   16 "O2'" ? ? ? 1_555 C NA  .  NA ? ? A G   16  A NA  101 1_555 ? ? ? ? ? ? ?             2.806 ? ? 
metalc5  metalc ?    ? A G   16 N3    ? ? ? 1_555 C NA  .  NA ? ? A G   16  A NA  101 1_555 ? ? ? ? ? ? ?             2.773 ? ? 
metalc6  metalc ?    ? A A   21 OP2   ? ? ? 1_555 C NA  .  NA ? ? A A   21  A NA  101 1_555 ? ? ? ? ? ? ?             2.599 ? ? 
metalc7  metalc ?    ? A A   21 N7    ? ? ? 1_555 C NA  .  NA ? ? A A   21  A NA  101 1_555 ? ? ? ? ? ? ?             2.909 ? ? 
metalc8  metalc ?    ? B MG  .  MG    ? ? ? 1_555 D HOH .  O  ? ? A MG  100 A HOH 170 1_555 ? ? ? ? ? ? ?             2.211 ? ? 
metalc9  metalc ?    ? B MG  .  MG    ? ? ? 1_555 D HOH .  O  ? ? A MG  100 A HOH 183 1_555 ? ? ? ? ? ? ?             2.246 ? ? 
metalc10 metalc ?    ? B MG  .  MG    ? ? ? 1_555 D HOH .  O  ? ? A MG  100 A HOH 232 1_555 ? ? ? ? ? ? ?             2.083 ? ? 
metalc11 metalc ?    ? C NA  .  NA    ? ? ? 1_555 D HOH .  O  ? ? A NA  101 A HOH 149 1_555 ? ? ? ? ? ? ?             2.768 ? ? 
hydrog1  hydrog ?    ? A C   3  N3    ? ? ? 1_555 A G   18 N1 ? ? A C   3   A G   18  1_555 ? ? ? ? ? ? WATSON-CRICK  ?     ? ? 
hydrog2  hydrog ?    ? A C   3  N4    ? ? ? 1_555 A G   18 O6 ? ? A C   3   A G   18  1_555 ? ? ? ? ? ? WATSON-CRICK  ?     ? ? 
hydrog3  hydrog ?    ? A C   3  O2    ? ? ? 1_555 A G   18 N2 ? ? A C   3   A G   18  1_555 ? ? ? ? ? ? WATSON-CRICK  ?     ? ? 
hydrog4  hydrog ?    ? A G   4  N1    ? ? ? 1_555 A C   17 N3 ? ? A G   4   A C   17  1_555 ? ? ? ? ? ? WATSON-CRICK  ?     ? ? 
hydrog5  hydrog ?    ? A G   4  N2    ? ? ? 1_555 A C   17 O2 ? ? A G   4   A C   17  1_555 ? ? ? ? ? ? WATSON-CRICK  ?     ? ? 
hydrog6  hydrog ?    ? A G   4  O6    ? ? ? 1_555 A C   17 N4 ? ? A G   4   A C   17  1_555 ? ? ? ? ? ? WATSON-CRICK  ?     ? ? 
hydrog7  hydrog ?    ? A G   4  N2    ? ? ? 1_555 A A   20 N3 ? ? A G   4   A A   20  1_555 ? ? ? ? ? ? 'G-A MISPAIR' ?     ? ? 
hydrog8  hydrog ?    ? A C   5  N3    ? ? ? 1_555 A G   16 N1 ? ? A C   5   A G   16  1_555 ? ? ? ? ? ? WATSON-CRICK  ?     ? ? 
hydrog9  hydrog ?    ? A C   5  N4    ? ? ? 1_555 A G   16 O6 ? ? A C   5   A G   16  1_555 ? ? ? ? ? ? WATSON-CRICK  ?     ? ? 
hydrog10 hydrog ?    ? A C   5  O2    ? ? ? 1_555 A G   16 N2 ? ? A C   5   A G   16  1_555 ? ? ? ? ? ? WATSON-CRICK  ?     ? ? 
hydrog11 hydrog ?    ? A G   6  N1    ? ? ? 1_555 A C   15 N3 ? ? A G   6   A C   15  1_555 ? ? ? ? ? ? WATSON-CRICK  ?     ? ? 
hydrog12 hydrog ?    ? A G   6  N2    ? ? ? 1_555 A C   15 O2 ? ? A G   6   A C   15  1_555 ? ? ? ? ? ? WATSON-CRICK  ?     ? ? 
hydrog13 hydrog ?    ? A G   6  O6    ? ? ? 1_555 A C   15 N4 ? ? A G   6   A C   15  1_555 ? ? ? ? ? ? WATSON-CRICK  ?     ? ? 
hydrog14 hydrog ?    ? A G   7  N1    ? ? ? 1_555 A C   14 N3 ? ? A G   7   A C   14  1_555 ? ? ? ? ? ? WATSON-CRICK  ?     ? ? 
hydrog15 hydrog ?    ? A G   7  N2    ? ? ? 1_555 A C   14 O2 ? ? A G   7   A C   14  1_555 ? ? ? ? ? ? WATSON-CRICK  ?     ? ? 
hydrog16 hydrog ?    ? A G   7  O6    ? ? ? 1_555 A C   14 N4 ? ? A G   7   A C   14  1_555 ? ? ? ? ? ? WATSON-CRICK  ?     ? ? 
hydrog17 hydrog ?    ? A G   7  N2    ? ? ? 1_555 A A   24 N1 ? ? A G   7   A A   24  1_555 ? ? ? ? ? ? TYPE_10_PAIR  ?     ? ? 
hydrog18 hydrog ?    ? A G   7  N3    ? ? ? 1_555 A A   24 N6 ? ? A G   7   A A   24  1_555 ? ? ? ? ? ? TYPE_10_PAIR  ?     ? ? 
hydrog19 hydrog ?    ? A C   8  N4    ? ? ? 1_555 A G   12 N7 ? ? A C   8   A G   12  1_555 ? ? ? ? ? ? 'C-G PAIR'    ?     ? ? 
hydrog20 hydrog ?    ? A C   8  O2    ? ? ? 1_555 A C   26 N4 ? ? A C   8   A C   26  1_555 ? ? ? ? ? ? 'C-C MISPAIR' ?     ? ? 
hydrog21 hydrog ?    ? A C   10 N3    ? ? ? 1_555 A G   28 N1 ? ? A C   10  A G   28  1_555 ? ? ? ? ? ? WATSON-CRICK  ?     ? ? 
hydrog22 hydrog ?    ? A C   10 N4    ? ? ? 1_555 A G   28 O6 ? ? A C   10  A G   28  1_555 ? ? ? ? ? ? WATSON-CRICK  ?     ? ? 
hydrog23 hydrog ?    ? A C   10 O2    ? ? ? 1_555 A G   28 N2 ? ? A C   10  A G   28  1_555 ? ? ? ? ? ? WATSON-CRICK  ?     ? ? 
hydrog24 hydrog ?    ? A C   11 N3    ? ? ? 1_555 A G   27 N1 ? ? A C   11  A G   27  1_555 ? ? ? ? ? ? WATSON-CRICK  ?     ? ? 
hydrog25 hydrog ?    ? A C   11 N4    ? ? ? 1_555 A G   27 O6 ? ? A C   11  A G   27  1_555 ? ? ? ? ? ? WATSON-CRICK  ?     ? ? 
hydrog26 hydrog ?    ? A C   11 O2    ? ? ? 1_555 A G   27 N2 ? ? A C   11  A G   27  1_555 ? ? ? ? ? ? WATSON-CRICK  ?     ? ? 
hydrog27 hydrog ?    ? A G   12 N1    ? ? ? 1_555 A C   26 N3 ? ? A G   12  A C   26  1_555 ? ? ? ? ? ? WATSON-CRICK  ?     ? ? 
hydrog28 hydrog ?    ? A G   12 N2    ? ? ? 1_555 A C   26 O2 ? ? A G   12  A C   26  1_555 ? ? ? ? ? ? WATSON-CRICK  ?     ? ? 
hydrog29 hydrog ?    ? A G   12 O6    ? ? ? 1_555 A C   26 N4 ? ? A G   12  A C   26  1_555 ? ? ? ? ? ? WATSON-CRICK  ?     ? ? 
hydrog30 hydrog ?    ? A C   14 O2    ? ? ? 1_555 A A   25 N6 ? ? A C   14  A A   25  1_555 ? ? ? ? ? ? 'C-A MISPAIR' ?     ? ? 
hydrog31 hydrog ?    ? A C   15 O2    ? ? ? 1_555 A A   23 N6 ? ? A C   15  A A   23  1_555 ? ? ? ? ? ? 'C-A MISPAIR' ?     ? ? 
# 
loop_
_struct_conn_type.id 
_struct_conn_type.criteria 
_struct_conn_type.reference 
covale ? ? 
metalc ? ? 
hydrog ? ? 
# 
loop_
_pdbx_struct_conn_angle.id 
_pdbx_struct_conn_angle.ptnr1_label_atom_id 
_pdbx_struct_conn_angle.ptnr1_label_alt_id 
_pdbx_struct_conn_angle.ptnr1_label_asym_id 
_pdbx_struct_conn_angle.ptnr1_label_comp_id 
_pdbx_struct_conn_angle.ptnr1_label_seq_id 
_pdbx_struct_conn_angle.ptnr1_auth_atom_id 
_pdbx_struct_conn_angle.ptnr1_auth_asym_id 
_pdbx_struct_conn_angle.ptnr1_auth_comp_id 
_pdbx_struct_conn_angle.ptnr1_auth_seq_id 
_pdbx_struct_conn_angle.ptnr1_PDB_ins_code 
_pdbx_struct_conn_angle.ptnr1_symmetry 
_pdbx_struct_conn_angle.ptnr2_label_atom_id 
_pdbx_struct_conn_angle.ptnr2_label_alt_id 
_pdbx_struct_conn_angle.ptnr2_label_asym_id 
_pdbx_struct_conn_angle.ptnr2_label_comp_id 
_pdbx_struct_conn_angle.ptnr2_label_seq_id 
_pdbx_struct_conn_angle.ptnr2_auth_atom_id 
_pdbx_struct_conn_angle.ptnr2_auth_asym_id 
_pdbx_struct_conn_angle.ptnr2_auth_comp_id 
_pdbx_struct_conn_angle.ptnr2_auth_seq_id 
_pdbx_struct_conn_angle.ptnr2_PDB_ins_code 
_pdbx_struct_conn_angle.ptnr2_symmetry 
_pdbx_struct_conn_angle.ptnr3_label_atom_id 
_pdbx_struct_conn_angle.ptnr3_label_alt_id 
_pdbx_struct_conn_angle.ptnr3_label_asym_id 
_pdbx_struct_conn_angle.ptnr3_label_comp_id 
_pdbx_struct_conn_angle.ptnr3_label_seq_id 
_pdbx_struct_conn_angle.ptnr3_auth_atom_id 
_pdbx_struct_conn_angle.ptnr3_auth_asym_id 
_pdbx_struct_conn_angle.ptnr3_auth_comp_id 
_pdbx_struct_conn_angle.ptnr3_auth_seq_id 
_pdbx_struct_conn_angle.ptnr3_PDB_ins_code 
_pdbx_struct_conn_angle.ptnr3_symmetry 
_pdbx_struct_conn_angle.value 
_pdbx_struct_conn_angle.value_esd 
1  O2B   ? A GTP 1  ? A GTP 1   ? 1_555 MG ? B MG . ? A MG 100 ? 1_555 O3G ? A GTP 1  ? A GTP 1   ? 1_555 96.0  ? 
2  O2B   ? A GTP 1  ? A GTP 1   ? 1_555 MG ? B MG . ? A MG 100 ? 1_555 OP1 ? A G   2  ? A G   2   ? 1_555 83.7  ? 
3  O3G   ? A GTP 1  ? A GTP 1   ? 1_555 MG ? B MG . ? A MG 100 ? 1_555 OP1 ? A G   2  ? A G   2   ? 1_555 176.3 ? 
4  O2B   ? A GTP 1  ? A GTP 1   ? 1_555 MG ? B MG . ? A MG 100 ? 1_555 O   ? D HOH .  ? A HOH 170 ? 1_555 111.2 ? 
5  O3G   ? A GTP 1  ? A GTP 1   ? 1_555 MG ? B MG . ? A MG 100 ? 1_555 O   ? D HOH .  ? A HOH 170 ? 1_555 88.8  ? 
6  OP1   ? A G   2  ? A G   2   ? 1_555 MG ? B MG . ? A MG 100 ? 1_555 O   ? D HOH .  ? A HOH 170 ? 1_555 94.8  ? 
7  O2B   ? A GTP 1  ? A GTP 1   ? 1_555 MG ? B MG . ? A MG 100 ? 1_555 O   ? D HOH .  ? A HOH 183 ? 1_555 81.4  ? 
8  O3G   ? A GTP 1  ? A GTP 1   ? 1_555 MG ? B MG . ? A MG 100 ? 1_555 O   ? D HOH .  ? A HOH 183 ? 1_555 88.8  ? 
9  OP1   ? A G   2  ? A G   2   ? 1_555 MG ? B MG . ? A MG 100 ? 1_555 O   ? D HOH .  ? A HOH 183 ? 1_555 87.5  ? 
10 O     ? D HOH .  ? A HOH 170 ? 1_555 MG ? B MG . ? A MG 100 ? 1_555 O   ? D HOH .  ? A HOH 183 ? 1_555 167.3 ? 
11 O2B   ? A GTP 1  ? A GTP 1   ? 1_555 MG ? B MG . ? A MG 100 ? 1_555 O   ? D HOH .  ? A HOH 232 ? 1_555 161.7 ? 
12 O3G   ? A GTP 1  ? A GTP 1   ? 1_555 MG ? B MG . ? A MG 100 ? 1_555 O   ? D HOH .  ? A HOH 232 ? 1_555 95.6  ? 
13 OP1   ? A G   2  ? A G   2   ? 1_555 MG ? B MG . ? A MG 100 ? 1_555 O   ? D HOH .  ? A HOH 232 ? 1_555 83.9  ? 
14 O     ? D HOH .  ? A HOH 170 ? 1_555 MG ? B MG . ? A MG 100 ? 1_555 O   ? D HOH .  ? A HOH 232 ? 1_555 83.1  ? 
15 O     ? D HOH .  ? A HOH 183 ? 1_555 MG ? B MG . ? A MG 100 ? 1_555 O   ? D HOH .  ? A HOH 232 ? 1_555 84.7  ? 
16 "O2'" ? A G   16 ? A G   16  ? 1_555 NA ? C NA . ? A NA 101 ? 1_555 N3  ? A G   16 ? A G   16  ? 1_555 94.2  ? 
17 "O2'" ? A G   16 ? A G   16  ? 1_555 NA ? C NA . ? A NA 101 ? 1_555 OP2 ? A A   21 ? A A   21  ? 1_555 171.6 ? 
18 N3    ? A G   16 ? A G   16  ? 1_555 NA ? C NA . ? A NA 101 ? 1_555 OP2 ? A A   21 ? A A   21  ? 1_555 92.7  ? 
19 "O2'" ? A G   16 ? A G   16  ? 1_555 NA ? C NA . ? A NA 101 ? 1_555 N7  ? A A   21 ? A A   21  ? 1_555 64.5  ? 
20 N3    ? A G   16 ? A G   16  ? 1_555 NA ? C NA . ? A NA 101 ? 1_555 N7  ? A A   21 ? A A   21  ? 1_555 152.1 ? 
21 OP2   ? A A   21 ? A A   21  ? 1_555 NA ? C NA . ? A NA 101 ? 1_555 N7  ? A A   21 ? A A   21  ? 1_555 107.4 ? 
22 "O2'" ? A G   16 ? A G   16  ? 1_555 NA ? C NA . ? A NA 101 ? 1_555 O   ? D HOH .  ? A HOH 149 ? 1_555 71.3  ? 
23 N3    ? A G   16 ? A G   16  ? 1_555 NA ? C NA . ? A NA 101 ? 1_555 O   ? D HOH .  ? A HOH 149 ? 1_555 99.4  ? 
24 OP2   ? A A   21 ? A A   21  ? 1_555 NA ? C NA . ? A NA 101 ? 1_555 O   ? D HOH .  ? A HOH 149 ? 1_555 112.2 ? 
25 N7    ? A A   21 ? A A   21  ? 1_555 NA ? C NA . ? A NA 101 ? 1_555 O   ? D HOH .  ? A HOH 149 ? 1_555 90.9  ? 
# 
loop_
_struct_site.id 
_struct_site.pdbx_evidence_code 
_struct_site.pdbx_auth_asym_id 
_struct_site.pdbx_auth_comp_id 
_struct_site.pdbx_auth_seq_id 
_struct_site.pdbx_auth_ins_code 
_struct_site.pdbx_num_residues 
_struct_site.details 
AC1 Software A MG 100 ? 5 'BINDING SITE FOR RESIDUE MG A 100' 
AC2 Software A NA 101 ? 4 'BINDING SITE FOR RESIDUE NA A 101' 
# 
loop_
_struct_site_gen.id 
_struct_site_gen.site_id 
_struct_site_gen.pdbx_num_res 
_struct_site_gen.label_comp_id 
_struct_site_gen.label_asym_id 
_struct_site_gen.label_seq_id 
_struct_site_gen.pdbx_auth_ins_code 
_struct_site_gen.auth_comp_id 
_struct_site_gen.auth_asym_id 
_struct_site_gen.auth_seq_id 
_struct_site_gen.label_atom_id 
_struct_site_gen.label_alt_id 
_struct_site_gen.symmetry 
_struct_site_gen.details 
1 AC1 5 GTP A 1  ? GTP A 1   . ? 1_555 ? 
2 AC1 5 G   A 2  ? G   A 2   . ? 1_555 ? 
3 AC1 5 HOH D .  ? HOH A 170 . ? 1_555 ? 
4 AC1 5 HOH D .  ? HOH A 183 . ? 1_555 ? 
5 AC1 5 HOH D .  ? HOH A 232 . ? 1_555 ? 
6 AC2 4 G   A 16 ? G   A 16  . ? 1_555 ? 
7 AC2 4 C   A 17 ? C   A 17  . ? 1_555 ? 
8 AC2 4 A   A 21 ? A   A 21  . ? 1_555 ? 
9 AC2 4 HOH D .  ? HOH A 149 . ? 1_555 ? 
# 
loop_
_pdbx_validate_planes.id 
_pdbx_validate_planes.PDB_model_num 
_pdbx_validate_planes.auth_comp_id 
_pdbx_validate_planes.auth_asym_id 
_pdbx_validate_planes.auth_seq_id 
_pdbx_validate_planes.PDB_ins_code 
_pdbx_validate_planes.label_alt_id 
_pdbx_validate_planes.rmsd 
_pdbx_validate_planes.type 
1 1 C A 14 ? A 0.077 'SIDE CHAIN' 
2 1 G A 27 ? ? 0.053 'SIDE CHAIN' 
# 
_pdbx_struct_mod_residue.id               1 
_pdbx_struct_mod_residue.label_asym_id    A 
_pdbx_struct_mod_residue.label_comp_id    GTP 
_pdbx_struct_mod_residue.label_seq_id     1 
_pdbx_struct_mod_residue.auth_asym_id     A 
_pdbx_struct_mod_residue.auth_comp_id     GTP 
_pdbx_struct_mod_residue.auth_seq_id      1 
_pdbx_struct_mod_residue.PDB_ins_code     ? 
_pdbx_struct_mod_residue.parent_comp_id   G 
_pdbx_struct_mod_residue.details          "GUANOSINE-5'-TRIPHOSPHATE" 
# 
loop_
_pdbx_struct_special_symmetry.id 
_pdbx_struct_special_symmetry.PDB_model_num 
_pdbx_struct_special_symmetry.auth_asym_id 
_pdbx_struct_special_symmetry.auth_comp_id 
_pdbx_struct_special_symmetry.auth_seq_id 
_pdbx_struct_special_symmetry.PDB_ins_code 
_pdbx_struct_special_symmetry.label_asym_id 
_pdbx_struct_special_symmetry.label_comp_id 
_pdbx_struct_special_symmetry.label_seq_id 
1 1 A HOH 118 ? D HOH . 
2 1 A HOH 122 ? D HOH . 
# 
loop_
_chem_comp_atom.comp_id 
_chem_comp_atom.atom_id 
_chem_comp_atom.type_symbol 
_chem_comp_atom.pdbx_aromatic_flag 
_chem_comp_atom.pdbx_stereo_config 
_chem_comp_atom.pdbx_ordinal 
A   OP3    O  N N 1   
A   P      P  N N 2   
A   OP1    O  N N 3   
A   OP2    O  N N 4   
A   "O5'"  O  N N 5   
A   "C5'"  C  N N 6   
A   "C4'"  C  N R 7   
A   "O4'"  O  N N 8   
A   "C3'"  C  N S 9   
A   "O3'"  O  N N 10  
A   "C2'"  C  N R 11  
A   "O2'"  O  N N 12  
A   "C1'"  C  N R 13  
A   N9     N  Y N 14  
A   C8     C  Y N 15  
A   N7     N  Y N 16  
A   C5     C  Y N 17  
A   C6     C  Y N 18  
A   N6     N  N N 19  
A   N1     N  Y N 20  
A   C2     C  Y N 21  
A   N3     N  Y N 22  
A   C4     C  Y N 23  
A   HOP3   H  N N 24  
A   HOP2   H  N N 25  
A   "H5'"  H  N N 26  
A   "H5''" H  N N 27  
A   "H4'"  H  N N 28  
A   "H3'"  H  N N 29  
A   "HO3'" H  N N 30  
A   "H2'"  H  N N 31  
A   "HO2'" H  N N 32  
A   "H1'"  H  N N 33  
A   H8     H  N N 34  
A   H61    H  N N 35  
A   H62    H  N N 36  
A   H2     H  N N 37  
C   OP3    O  N N 38  
C   P      P  N N 39  
C   OP1    O  N N 40  
C   OP2    O  N N 41  
C   "O5'"  O  N N 42  
C   "C5'"  C  N N 43  
C   "C4'"  C  N R 44  
C   "O4'"  O  N N 45  
C   "C3'"  C  N S 46  
C   "O3'"  O  N N 47  
C   "C2'"  C  N R 48  
C   "O2'"  O  N N 49  
C   "C1'"  C  N R 50  
C   N1     N  N N 51  
C   C2     C  N N 52  
C   O2     O  N N 53  
C   N3     N  N N 54  
C   C4     C  N N 55  
C   N4     N  N N 56  
C   C5     C  N N 57  
C   C6     C  N N 58  
C   HOP3   H  N N 59  
C   HOP2   H  N N 60  
C   "H5'"  H  N N 61  
C   "H5''" H  N N 62  
C   "H4'"  H  N N 63  
C   "H3'"  H  N N 64  
C   "HO3'" H  N N 65  
C   "H2'"  H  N N 66  
C   "HO2'" H  N N 67  
C   "H1'"  H  N N 68  
C   H41    H  N N 69  
C   H42    H  N N 70  
C   H5     H  N N 71  
C   H6     H  N N 72  
G   OP3    O  N N 73  
G   P      P  N N 74  
G   OP1    O  N N 75  
G   OP2    O  N N 76  
G   "O5'"  O  N N 77  
G   "C5'"  C  N N 78  
G   "C4'"  C  N R 79  
G   "O4'"  O  N N 80  
G   "C3'"  C  N S 81  
G   "O3'"  O  N N 82  
G   "C2'"  C  N R 83  
G   "O2'"  O  N N 84  
G   "C1'"  C  N R 85  
G   N9     N  Y N 86  
G   C8     C  Y N 87  
G   N7     N  Y N 88  
G   C5     C  Y N 89  
G   C6     C  N N 90  
G   O6     O  N N 91  
G   N1     N  N N 92  
G   C2     C  N N 93  
G   N2     N  N N 94  
G   N3     N  N N 95  
G   C4     C  Y N 96  
G   HOP3   H  N N 97  
G   HOP2   H  N N 98  
G   "H5'"  H  N N 99  
G   "H5''" H  N N 100 
G   "H4'"  H  N N 101 
G   "H3'"  H  N N 102 
G   "HO3'" H  N N 103 
G   "H2'"  H  N N 104 
G   "HO2'" H  N N 105 
G   "H1'"  H  N N 106 
G   H8     H  N N 107 
G   H1     H  N N 108 
G   H21    H  N N 109 
G   H22    H  N N 110 
GTP PG     P  N N 111 
GTP O1G    O  N N 112 
GTP O2G    O  N N 113 
GTP O3G    O  N N 114 
GTP O3B    O  N N 115 
GTP PB     P  N N 116 
GTP O1B    O  N N 117 
GTP O2B    O  N N 118 
GTP O3A    O  N N 119 
GTP PA     P  N N 120 
GTP O1A    O  N N 121 
GTP O2A    O  N N 122 
GTP "O5'"  O  N N 123 
GTP "C5'"  C  N N 124 
GTP "C4'"  C  N R 125 
GTP "O4'"  O  N N 126 
GTP "C3'"  C  N S 127 
GTP "O3'"  O  N N 128 
GTP "C2'"  C  N R 129 
GTP "O2'"  O  N N 130 
GTP "C1'"  C  N R 131 
GTP N9     N  Y N 132 
GTP C8     C  Y N 133 
GTP N7     N  Y N 134 
GTP C5     C  Y N 135 
GTP C6     C  N N 136 
GTP O6     O  N N 137 
GTP N1     N  N N 138 
GTP C2     C  N N 139 
GTP N2     N  N N 140 
GTP N3     N  N N 141 
GTP C4     C  Y N 142 
GTP HOG2   H  N N 143 
GTP HOG3   H  N N 144 
GTP HOB2   H  N N 145 
GTP HOA2   H  N N 146 
GTP "H5'"  H  N N 147 
GTP "H5''" H  N N 148 
GTP "H4'"  H  N N 149 
GTP "H3'"  H  N N 150 
GTP "HO3'" H  N N 151 
GTP "H2'"  H  N N 152 
GTP "HO2'" H  N N 153 
GTP "H1'"  H  N N 154 
GTP H8     H  N N 155 
GTP HN1    H  N N 156 
GTP HN21   H  N N 157 
GTP HN22   H  N N 158 
HOH O      O  N N 159 
HOH H1     H  N N 160 
HOH H2     H  N N 161 
MG  MG     MG N N 162 
NA  NA     NA N N 163 
U   OP3    O  N N 164 
U   P      P  N N 165 
U   OP1    O  N N 166 
U   OP2    O  N N 167 
U   "O5'"  O  N N 168 
U   "C5'"  C  N N 169 
U   "C4'"  C  N R 170 
U   "O4'"  O  N N 171 
U   "C3'"  C  N S 172 
U   "O3'"  O  N N 173 
U   "C2'"  C  N R 174 
U   "O2'"  O  N N 175 
U   "C1'"  C  N R 176 
U   N1     N  N N 177 
U   C2     C  N N 178 
U   O2     O  N N 179 
U   N3     N  N N 180 
U   C4     C  N N 181 
U   O4     O  N N 182 
U   C5     C  N N 183 
U   C6     C  N N 184 
U   HOP3   H  N N 185 
U   HOP2   H  N N 186 
U   "H5'"  H  N N 187 
U   "H5''" H  N N 188 
U   "H4'"  H  N N 189 
U   "H3'"  H  N N 190 
U   "HO3'" H  N N 191 
U   "H2'"  H  N N 192 
U   "HO2'" H  N N 193 
U   "H1'"  H  N N 194 
U   H3     H  N N 195 
U   H5     H  N N 196 
U   H6     H  N N 197 
# 
loop_
_chem_comp_bond.comp_id 
_chem_comp_bond.atom_id_1 
_chem_comp_bond.atom_id_2 
_chem_comp_bond.value_order 
_chem_comp_bond.pdbx_aromatic_flag 
_chem_comp_bond.pdbx_stereo_config 
_chem_comp_bond.pdbx_ordinal 
A   OP3   P      sing N N 1   
A   OP3   HOP3   sing N N 2   
A   P     OP1    doub N N 3   
A   P     OP2    sing N N 4   
A   P     "O5'"  sing N N 5   
A   OP2   HOP2   sing N N 6   
A   "O5'" "C5'"  sing N N 7   
A   "C5'" "C4'"  sing N N 8   
A   "C5'" "H5'"  sing N N 9   
A   "C5'" "H5''" sing N N 10  
A   "C4'" "O4'"  sing N N 11  
A   "C4'" "C3'"  sing N N 12  
A   "C4'" "H4'"  sing N N 13  
A   "O4'" "C1'"  sing N N 14  
A   "C3'" "O3'"  sing N N 15  
A   "C3'" "C2'"  sing N N 16  
A   "C3'" "H3'"  sing N N 17  
A   "O3'" "HO3'" sing N N 18  
A   "C2'" "O2'"  sing N N 19  
A   "C2'" "C1'"  sing N N 20  
A   "C2'" "H2'"  sing N N 21  
A   "O2'" "HO2'" sing N N 22  
A   "C1'" N9     sing N N 23  
A   "C1'" "H1'"  sing N N 24  
A   N9    C8     sing Y N 25  
A   N9    C4     sing Y N 26  
A   C8    N7     doub Y N 27  
A   C8    H8     sing N N 28  
A   N7    C5     sing Y N 29  
A   C5    C6     sing Y N 30  
A   C5    C4     doub Y N 31  
A   C6    N6     sing N N 32  
A   C6    N1     doub Y N 33  
A   N6    H61    sing N N 34  
A   N6    H62    sing N N 35  
A   N1    C2     sing Y N 36  
A   C2    N3     doub Y N 37  
A   C2    H2     sing N N 38  
A   N3    C4     sing Y N 39  
C   OP3   P      sing N N 40  
C   OP3   HOP3   sing N N 41  
C   P     OP1    doub N N 42  
C   P     OP2    sing N N 43  
C   P     "O5'"  sing N N 44  
C   OP2   HOP2   sing N N 45  
C   "O5'" "C5'"  sing N N 46  
C   "C5'" "C4'"  sing N N 47  
C   "C5'" "H5'"  sing N N 48  
C   "C5'" "H5''" sing N N 49  
C   "C4'" "O4'"  sing N N 50  
C   "C4'" "C3'"  sing N N 51  
C   "C4'" "H4'"  sing N N 52  
C   "O4'" "C1'"  sing N N 53  
C   "C3'" "O3'"  sing N N 54  
C   "C3'" "C2'"  sing N N 55  
C   "C3'" "H3'"  sing N N 56  
C   "O3'" "HO3'" sing N N 57  
C   "C2'" "O2'"  sing N N 58  
C   "C2'" "C1'"  sing N N 59  
C   "C2'" "H2'"  sing N N 60  
C   "O2'" "HO2'" sing N N 61  
C   "C1'" N1     sing N N 62  
C   "C1'" "H1'"  sing N N 63  
C   N1    C2     sing N N 64  
C   N1    C6     sing N N 65  
C   C2    O2     doub N N 66  
C   C2    N3     sing N N 67  
C   N3    C4     doub N N 68  
C   C4    N4     sing N N 69  
C   C4    C5     sing N N 70  
C   N4    H41    sing N N 71  
C   N4    H42    sing N N 72  
C   C5    C6     doub N N 73  
C   C5    H5     sing N N 74  
C   C6    H6     sing N N 75  
G   OP3   P      sing N N 76  
G   OP3   HOP3   sing N N 77  
G   P     OP1    doub N N 78  
G   P     OP2    sing N N 79  
G   P     "O5'"  sing N N 80  
G   OP2   HOP2   sing N N 81  
G   "O5'" "C5'"  sing N N 82  
G   "C5'" "C4'"  sing N N 83  
G   "C5'" "H5'"  sing N N 84  
G   "C5'" "H5''" sing N N 85  
G   "C4'" "O4'"  sing N N 86  
G   "C4'" "C3'"  sing N N 87  
G   "C4'" "H4'"  sing N N 88  
G   "O4'" "C1'"  sing N N 89  
G   "C3'" "O3'"  sing N N 90  
G   "C3'" "C2'"  sing N N 91  
G   "C3'" "H3'"  sing N N 92  
G   "O3'" "HO3'" sing N N 93  
G   "C2'" "O2'"  sing N N 94  
G   "C2'" "C1'"  sing N N 95  
G   "C2'" "H2'"  sing N N 96  
G   "O2'" "HO2'" sing N N 97  
G   "C1'" N9     sing N N 98  
G   "C1'" "H1'"  sing N N 99  
G   N9    C8     sing Y N 100 
G   N9    C4     sing Y N 101 
G   C8    N7     doub Y N 102 
G   C8    H8     sing N N 103 
G   N7    C5     sing Y N 104 
G   C5    C6     sing N N 105 
G   C5    C4     doub Y N 106 
G   C6    O6     doub N N 107 
G   C6    N1     sing N N 108 
G   N1    C2     sing N N 109 
G   N1    H1     sing N N 110 
G   C2    N2     sing N N 111 
G   C2    N3     doub N N 112 
G   N2    H21    sing N N 113 
G   N2    H22    sing N N 114 
G   N3    C4     sing N N 115 
GTP PG    O1G    doub N N 116 
GTP PG    O2G    sing N N 117 
GTP PG    O3G    sing N N 118 
GTP PG    O3B    sing N N 119 
GTP O2G   HOG2   sing N N 120 
GTP O3G   HOG3   sing N N 121 
GTP O3B   PB     sing N N 122 
GTP PB    O1B    doub N N 123 
GTP PB    O2B    sing N N 124 
GTP PB    O3A    sing N N 125 
GTP O2B   HOB2   sing N N 126 
GTP O3A   PA     sing N N 127 
GTP PA    O1A    doub N N 128 
GTP PA    O2A    sing N N 129 
GTP PA    "O5'"  sing N N 130 
GTP O2A   HOA2   sing N N 131 
GTP "O5'" "C5'"  sing N N 132 
GTP "C5'" "C4'"  sing N N 133 
GTP "C5'" "H5'"  sing N N 134 
GTP "C5'" "H5''" sing N N 135 
GTP "C4'" "O4'"  sing N N 136 
GTP "C4'" "C3'"  sing N N 137 
GTP "C4'" "H4'"  sing N N 138 
GTP "O4'" "C1'"  sing N N 139 
GTP "C3'" "O3'"  sing N N 140 
GTP "C3'" "C2'"  sing N N 141 
GTP "C3'" "H3'"  sing N N 142 
GTP "O3'" "HO3'" sing N N 143 
GTP "C2'" "O2'"  sing N N 144 
GTP "C2'" "C1'"  sing N N 145 
GTP "C2'" "H2'"  sing N N 146 
GTP "O2'" "HO2'" sing N N 147 
GTP "C1'" N9     sing N N 148 
GTP "C1'" "H1'"  sing N N 149 
GTP N9    C8     sing Y N 150 
GTP N9    C4     sing Y N 151 
GTP C8    N7     doub Y N 152 
GTP C8    H8     sing N N 153 
GTP N7    C5     sing Y N 154 
GTP C5    C6     sing N N 155 
GTP C5    C4     doub Y N 156 
GTP C6    O6     doub N N 157 
GTP C6    N1     sing N N 158 
GTP N1    C2     sing N N 159 
GTP N1    HN1    sing N N 160 
GTP C2    N2     sing N N 161 
GTP C2    N3     doub N N 162 
GTP N2    HN21   sing N N 163 
GTP N2    HN22   sing N N 164 
GTP N3    C4     sing N N 165 
HOH O     H1     sing N N 166 
HOH O     H2     sing N N 167 
U   OP3   P      sing N N 168 
U   OP3   HOP3   sing N N 169 
U   P     OP1    doub N N 170 
U   P     OP2    sing N N 171 
U   P     "O5'"  sing N N 172 
U   OP2   HOP2   sing N N 173 
U   "O5'" "C5'"  sing N N 174 
U   "C5'" "C4'"  sing N N 175 
U   "C5'" "H5'"  sing N N 176 
U   "C5'" "H5''" sing N N 177 
U   "C4'" "O4'"  sing N N 178 
U   "C4'" "C3'"  sing N N 179 
U   "C4'" "H4'"  sing N N 180 
U   "O4'" "C1'"  sing N N 181 
U   "C3'" "O3'"  sing N N 182 
U   "C3'" "C2'"  sing N N 183 
U   "C3'" "H3'"  sing N N 184 
U   "O3'" "HO3'" sing N N 185 
U   "C2'" "O2'"  sing N N 186 
U   "C2'" "C1'"  sing N N 187 
U   "C2'" "H2'"  sing N N 188 
U   "O2'" "HO2'" sing N N 189 
U   "C1'" N1     sing N N 190 
U   "C1'" "H1'"  sing N N 191 
U   N1    C2     sing N N 192 
U   N1    C6     sing N N 193 
U   C2    O2     doub N N 194 
U   C2    N3     sing N N 195 
U   N3    C4     sing N N 196 
U   N3    H3     sing N N 197 
U   C4    O4     doub N N 198 
U   C4    C5     sing N N 199 
U   C5    C6     doub N N 200 
U   C5    H5     sing N N 201 
U   C6    H6     sing N N 202 
# 
loop_
_ndb_struct_conf_na.entry_id 
_ndb_struct_conf_na.feature 
437D 'double helix'        
437D 'a-form double helix' 
# 
loop_
_ndb_struct_na_base_pair.model_number 
_ndb_struct_na_base_pair.i_label_asym_id 
_ndb_struct_na_base_pair.i_label_comp_id 
_ndb_struct_na_base_pair.i_label_seq_id 
_ndb_struct_na_base_pair.i_symmetry 
_ndb_struct_na_base_pair.j_label_asym_id 
_ndb_struct_na_base_pair.j_label_comp_id 
_ndb_struct_na_base_pair.j_label_seq_id 
_ndb_struct_na_base_pair.j_symmetry 
_ndb_struct_na_base_pair.shear 
_ndb_struct_na_base_pair.stretch 
_ndb_struct_na_base_pair.stagger 
_ndb_struct_na_base_pair.buckle 
_ndb_struct_na_base_pair.propeller 
_ndb_struct_na_base_pair.opening 
_ndb_struct_na_base_pair.pair_number 
_ndb_struct_na_base_pair.pair_name 
_ndb_struct_na_base_pair.i_auth_asym_id 
_ndb_struct_na_base_pair.i_auth_seq_id 
_ndb_struct_na_base_pair.i_PDB_ins_code 
_ndb_struct_na_base_pair.j_auth_asym_id 
_ndb_struct_na_base_pair.j_auth_seq_id 
_ndb_struct_na_base_pair.j_PDB_ins_code 
_ndb_struct_na_base_pair.hbond_type_28 
_ndb_struct_na_base_pair.hbond_type_12 
1 A C 3  1_555 A G 18 1_555 0.126  -0.037 -0.279 6.602   -3.154  -0.188 1 A_C3:G18_A  A 3  ? A 18 ? 19 1 
1 A G 4  1_555 A C 17 1_555 -0.261 -0.104 0.023  -3.707  -19.484 3.824  2 A_G4:C17_A  A 4  ? A 17 ? 19 1 
1 A C 5  1_555 A G 16 1_555 0.070  -0.119 -0.040 3.911   -15.797 2.366  3 A_C5:G16_A  A 5  ? A 16 ? 19 1 
1 A G 6  1_555 A C 15 1_555 -0.243 -0.090 0.066  -6.254  -14.356 -1.915 4 A_G6:C15_A  A 6  ? A 15 ? 19 1 
1 A G 7  1_555 A C 14 1_555 -0.180 -0.047 -0.062 -10.888 -11.767 1.660  5 A_G7:C14_A  A 7  ? A 14 ? 19 1 
1 A C 26 1_555 A G 12 1_555 0.451  -0.103 -0.067 9.858   -27.246 3.205  6 A_C26:G12_A A 26 ? A 12 ? 19 1 
1 A G 27 1_555 A C 11 1_555 -0.328 -0.203 0.344  6.446   -13.560 -1.054 7 A_G27:C11_A A 27 ? A 11 ? 19 1 
1 A G 28 1_555 A C 10 1_555 -0.295 -0.119 -0.422 -13.770 -20.560 -1.189 8 A_G28:C10_A A 28 ? A 10 ? 19 1 
# 
loop_
_ndb_struct_na_base_pair_step.model_number 
_ndb_struct_na_base_pair_step.i_label_asym_id_1 
_ndb_struct_na_base_pair_step.i_label_comp_id_1 
_ndb_struct_na_base_pair_step.i_label_seq_id_1 
_ndb_struct_na_base_pair_step.i_symmetry_1 
_ndb_struct_na_base_pair_step.j_label_asym_id_1 
_ndb_struct_na_base_pair_step.j_label_comp_id_1 
_ndb_struct_na_base_pair_step.j_label_seq_id_1 
_ndb_struct_na_base_pair_step.j_symmetry_1 
_ndb_struct_na_base_pair_step.i_label_asym_id_2 
_ndb_struct_na_base_pair_step.i_label_comp_id_2 
_ndb_struct_na_base_pair_step.i_label_seq_id_2 
_ndb_struct_na_base_pair_step.i_symmetry_2 
_ndb_struct_na_base_pair_step.j_label_asym_id_2 
_ndb_struct_na_base_pair_step.j_label_comp_id_2 
_ndb_struct_na_base_pair_step.j_label_seq_id_2 
_ndb_struct_na_base_pair_step.j_symmetry_2 
_ndb_struct_na_base_pair_step.shift 
_ndb_struct_na_base_pair_step.slide 
_ndb_struct_na_base_pair_step.rise 
_ndb_struct_na_base_pair_step.tilt 
_ndb_struct_na_base_pair_step.roll 
_ndb_struct_na_base_pair_step.twist 
_ndb_struct_na_base_pair_step.x_displacement 
_ndb_struct_na_base_pair_step.y_displacement 
_ndb_struct_na_base_pair_step.helical_rise 
_ndb_struct_na_base_pair_step.inclination 
_ndb_struct_na_base_pair_step.tip 
_ndb_struct_na_base_pair_step.helical_twist 
_ndb_struct_na_base_pair_step.step_number 
_ndb_struct_na_base_pair_step.step_name 
_ndb_struct_na_base_pair_step.i_auth_asym_id_1 
_ndb_struct_na_base_pair_step.i_auth_seq_id_1 
_ndb_struct_na_base_pair_step.i_PDB_ins_code_1 
_ndb_struct_na_base_pair_step.j_auth_asym_id_1 
_ndb_struct_na_base_pair_step.j_auth_seq_id_1 
_ndb_struct_na_base_pair_step.j_PDB_ins_code_1 
_ndb_struct_na_base_pair_step.i_auth_asym_id_2 
_ndb_struct_na_base_pair_step.i_auth_seq_id_2 
_ndb_struct_na_base_pair_step.i_PDB_ins_code_2 
_ndb_struct_na_base_pair_step.j_auth_asym_id_2 
_ndb_struct_na_base_pair_step.j_auth_seq_id_2 
_ndb_struct_na_base_pair_step.j_PDB_ins_code_2 
1 A C 3  1_555 A G 18 1_555 A G 4  1_555 A C 17 1_555 0.815  -1.918 3.535 -1.587 8.879  31.860 -4.866 -1.699 2.869 15.783 2.820   
33.081 1 AA_C3G4:C17G18_AA   A 3  ? A 18 ? A 4  ? A 17 ? 
1 A G 4  1_555 A C 17 1_555 A C 5  1_555 A G 16 1_555 -1.013 -1.866 3.098 -1.988 0.780  29.371 -3.829 1.590  3.108 1.535  3.914   
29.447 2 AA_G4C5:G16C17_AA   A 4  ? A 17 ? A 5  ? A 16 ? 
1 A C 5  1_555 A G 16 1_555 A G 6  1_555 A C 15 1_555 -0.203 -1.648 3.440 -0.429 10.776 28.530 -5.212 0.305  2.658 20.944 0.834   
30.461 3 AA_C5G6:C15G16_AA   A 5  ? A 16 ? A 6  ? A 15 ? 
1 A G 6  1_555 A C 15 1_555 A G 7  1_555 A C 14 1_555 0.390  -1.552 3.365 3.247  5.235  36.634 -3.137 -0.178 3.143 8.257  -5.122  
37.130 4 AA_G6G7:C14C15_AA   A 6  ? A 15 ? A 7  ? A 14 ? 
1 A G 7  1_555 A C 14 1_555 A C 26 1_555 A G 12 1_555 -5.613 -0.332 3.628 14.233 -5.491 92.315 -0.125 4.128  2.952 -3.786 -9.814  
93.285 5 AA_G7C26:G12C14_AA  A 7  ? A 14 ? A 26 ? A 12 ? 
1 A C 26 1_555 A G 12 1_555 A G 27 1_555 A C 11 1_555 -0.439 -1.713 3.161 -5.449 14.114 31.220 -4.777 0.005  2.246 24.505 9.461   
34.610 6 AA_C26G27:C11G12_AA A 26 ? A 12 ? A 27 ? A 11 ? 
1 A G 27 1_555 A C 11 1_555 A G 28 1_555 A C 10 1_555 0.739  -1.977 3.883 6.401  6.836  29.134 -5.301 0.051  3.423 13.168 -12.329 
30.572 7 AA_G27G28:C10C11_AA A 27 ? A 11 ? A 28 ? A 10 ? 
# 
_atom_sites.entry_id                    437D 
_atom_sites.fract_transf_matrix[1][1]   -0.02257467 
_atom_sites.fract_transf_matrix[1][2]   0.03018158 
_atom_sites.fract_transf_matrix[1][3]   -0.00728672 
_atom_sites.fract_transf_matrix[2][1]   -0.00786880 
_atom_sites.fract_transf_matrix[2][2]   0.02524572 
_atom_sites.fract_transf_matrix[2][3]   0.02782758 
_atom_sites.fract_transf_matrix[3][1]   0.00572726 
_atom_sites.fract_transf_matrix[3][2]   0.00383483 
_atom_sites.fract_transf_matrix[3][3]   -0.00185953 
_atom_sites.fract_transf_vector[1]      0.735657 
_atom_sites.fract_transf_vector[2]      0.774540 
_atom_sites.fract_transf_vector[3]      0.243575 
# 
loop_
_atom_type.symbol 
C  
MG 
N  
NA 
O  
P  
# 
loop_
_atom_site.group_PDB 
_atom_site.id 
_atom_site.type_symbol 
_atom_site.label_atom_id 
_atom_site.label_alt_id 
_atom_site.label_comp_id 
_atom_site.label_asym_id 
_atom_site.label_entity_id 
_atom_site.label_seq_id 
_atom_site.pdbx_PDB_ins_code 
_atom_site.Cartn_x 
_atom_site.Cartn_y 
_atom_site.Cartn_z 
_atom_site.occupancy 
_atom_site.B_iso_or_equiv 
_atom_site.pdbx_formal_charge 
_atom_site.auth_seq_id 
_atom_site.auth_comp_id 
_atom_site.auth_asym_id 
_atom_site.auth_atom_id 
_atom_site.pdbx_PDB_model_num 
HETATM 1   P  PG    . GTP A 1 1  ? -12.801 11.071  2.638   1.00 49.92 ? 1   GTP A PG    1 
HETATM 2   O  O1G   . GTP A 1 1  ? -11.998 10.544  1.419   1.00 49.92 ? 1   GTP A O1G   1 
HETATM 3   O  O2G   . GTP A 1 1  ? -12.845 12.625  2.633   1.00 49.92 ? 1   GTP A O2G   1 
HETATM 4   O  O3G   . GTP A 1 1  ? -12.133 10.649  3.961   1.00 49.83 ? 1   GTP A O3G   1 
HETATM 5   O  O3B   . GTP A 1 1  ? -14.333 10.388  2.544   1.00 35.56 ? 1   GTP A O3B   1 
HETATM 6   P  PB    . GTP A 1 1  ? -14.813 8.805   2.629   1.00 37.70 ? 1   GTP A PB    1 
HETATM 7   O  O1B   . GTP A 1 1  ? -15.098 8.256   1.303   1.00 29.35 ? 1   GTP A O1B   1 
HETATM 8   O  O2B   . GTP A 1 1  ? -13.754 8.123   3.488   1.00 47.32 ? 1   GTP A O2B   1 
HETATM 9   O  O3A   . GTP A 1 1  ? -16.136 8.796   3.447   1.00 42.13 ? 1   GTP A O3A   1 
HETATM 10  P  PA    . GTP A 1 1  ? -16.497 8.681   4.955   1.00 39.67 ? 1   GTP A PA    1 
HETATM 11  O  O1A   . GTP A 1 1  ? -17.990 8.706   5.127   1.00 44.13 ? 1   GTP A O1A   1 
HETATM 12  O  O2A   . GTP A 1 1  ? -15.663 9.549   5.777   1.00 31.03 ? 1   GTP A O2A   1 
HETATM 13  O  "O5'" . GTP A 1 1  ? -16.130 7.108   5.151   1.00 37.83 ? 1   GTP A "O5'" 1 
HETATM 14  C  "C5'" . GTP A 1 1  ? -16.131 6.479   6.423   1.00 35.82 ? 1   GTP A "C5'" 1 
HETATM 15  C  "C4'" . GTP A 1 1  ? -15.829 5.014   6.224   1.00 30.22 ? 1   GTP A "C4'" 1 
HETATM 16  O  "O4'" . GTP A 1 1  ? -16.916 4.412   5.489   1.00 21.83 ? 1   GTP A "O4'" 1 
HETATM 17  C  "C3'" . GTP A 1 1  ? -14.597 4.813   5.355   1.00 25.18 ? 1   GTP A "C3'" 1 
HETATM 18  O  "O3'" . GTP A 1 1  ? -13.461 4.717   6.191   1.00 26.43 ? 1   GTP A "O3'" 1 
HETATM 19  C  "C2'" . GTP A 1 1  ? -14.864 3.456   4.726   1.00 20.09 ? 1   GTP A "C2'" 1 
HETATM 20  O  "O2'" . GTP A 1 1  ? -14.587 2.457   5.695   1.00 24.35 ? 1   GTP A "O2'" 1 
HETATM 21  C  "C1'" . GTP A 1 1  ? -16.389 3.488   4.557   1.00 19.45 ? 1   GTP A "C1'" 1 
HETATM 22  N  N9    . GTP A 1 1  ? -16.838 3.866   3.224   1.00 23.58 ? 1   GTP A N9    1 
HETATM 23  C  C8    . GTP A 1 1  ? -17.315 5.100   2.820   1.00 20.55 ? 1   GTP A C8    1 
HETATM 24  N  N7    . GTP A 1 1  ? -17.691 5.117   1.558   1.00 28.46 ? 1   GTP A N7    1 
HETATM 25  C  C5    . GTP A 1 1  ? -17.442 3.825   1.112   1.00 20.33 ? 1   GTP A C5    1 
HETATM 26  C  C6    . GTP A 1 1  ? -17.668 3.215   -0.122  1.00 29.07 ? 1   GTP A C6    1 
HETATM 27  O  O6    . GTP A 1 1  ? -18.116 3.726   -1.153  1.00 45.12 ? 1   GTP A O6    1 
HETATM 28  N  N1    . GTP A 1 1  ? -17.308 1.873   -0.112  1.00 34.15 ? 1   GTP A N1    1 
HETATM 29  C  C2    . GTP A 1 1  ? -16.757 1.204   0.956   1.00 27.53 ? 1   GTP A C2    1 
HETATM 30  N  N2    . GTP A 1 1  ? -16.479 -0.058  0.789   1.00 26.93 ? 1   GTP A N2    1 
HETATM 31  N  N3    . GTP A 1 1  ? -16.507 1.759   2.101   1.00 21.79 ? 1   GTP A N3    1 
HETATM 32  C  C4    . GTP A 1 1  ? -16.881 3.052   2.137   1.00 15.79 ? 1   GTP A C4    1 
ATOM   33  P  P     . G   A 1 2  ? -12.091 5.373   5.795   1.00 25.97 ? 2   G   A P     1 
ATOM   34  O  OP1   . G   A 1 2  ? -12.232 6.732   5.279   1.00 34.16 ? 2   G   A OP1   1 
ATOM   35  O  OP2   . G   A 1 2  ? -11.320 4.374   5.075   1.00 27.37 ? 2   G   A OP2   1 
ATOM   36  O  "O5'" . G   A 1 2  ? -11.444 5.608   7.211   1.00 24.04 ? 2   G   A "O5'" 1 
ATOM   37  C  "C5'" . G   A 1 2  ? -12.023 6.505   8.144   1.00 25.52 ? 2   G   A "C5'" 1 
ATOM   38  C  "C4'" . G   A 1 2  ? -11.795 5.997   9.535   1.00 23.51 ? 2   G   A "C4'" 1 
ATOM   39  O  "O4'" . G   A 1 2  ? -12.722 4.952   9.835   1.00 24.26 ? 2   G   A "O4'" 1 
ATOM   40  C  "C3'" . G   A 1 2  ? -10.422 5.400   9.838   1.00 19.78 ? 2   G   A "C3'" 1 
ATOM   41  O  "O3'" . G   A 1 2  ? -9.449  6.401   10.065  1.00 24.99 ? 2   G   A "O3'" 1 
ATOM   42  C  "C2'" . G   A 1 2  ? -10.738 4.539   11.045  1.00 24.71 ? 2   G   A "C2'" 1 
ATOM   43  O  "O2'" . G   A 1 2  ? -10.964 5.310   12.198  1.00 23.68 ? 2   G   A "O2'" 1 
ATOM   44  C  "C1'" . G   A 1 2  ? -12.097 3.982   10.683  1.00 23.68 ? 2   G   A "C1'" 1 
ATOM   45  N  N9    . G   A 1 2  ? -12.027 2.737   9.938   1.00 20.09 ? 2   G   A N9    1 
ATOM   46  C  C8    . G   A 1 2  ? -12.518 2.526   8.673   1.00 17.91 ? 2   G   A C8    1 
ATOM   47  N  N7    . G   A 1 2  ? -12.286 1.322   8.229   1.00 22.98 ? 2   G   A N7    1 
ATOM   48  C  C5    . G   A 1 2  ? -11.624 0.690   9.285   1.00 14.57 ? 2   G   A C5    1 
ATOM   49  C  C6    . G   A 1 2  ? -11.147 -0.623  9.356   1.00 23.03 ? 2   G   A C6    1 
ATOM   50  O  O6    . G   A 1 2  ? -11.233 -1.460  8.516   1.00 17.46 ? 2   G   A O6    1 
ATOM   51  N  N1    . G   A 1 2  ? -10.544 -0.889  10.575  1.00 18.25 ? 2   G   A N1    1 
ATOM   52  C  C2    . G   A 1 2  ? -10.420 0.020   11.581  1.00 18.75 ? 2   G   A C2    1 
ATOM   53  N  N2    . G   A 1 2  ? -9.786  -0.400  12.669  1.00 21.44 ? 2   G   A N2    1 
ATOM   54  N  N3    . G   A 1 2  ? -10.887 1.283   11.526  1.00 20.72 ? 2   G   A N3    1 
ATOM   55  C  C4    . G   A 1 2  ? -11.462 1.535   10.338  1.00 19.86 ? 2   G   A C4    1 
ATOM   56  P  P     . C   A 1 3  ? -7.931  6.120   9.666   1.00 24.76 ? 3   C   A P     1 
ATOM   57  O  OP1   . C   A 1 3  ? -7.093  7.311   9.877   1.00 26.92 ? 3   C   A OP1   1 
ATOM   58  O  OP2   . C   A 1 3  ? -7.988  5.490   8.306   1.00 22.58 ? 3   C   A OP2   1 
ATOM   59  O  "O5'" . C   A 1 3  ? -7.545  4.994   10.719  1.00 21.63 ? 3   C   A "O5'" 1 
ATOM   60  C  "C5'" . C   A 1 3  ? -7.464  5.308   12.112  1.00 19.19 ? 3   C   A "C5'" 1 
ATOM   61  C  "C4'" . C   A 1 3  ? -6.886  4.107   12.845  1.00 21.48 ? 3   C   A "C4'" 1 
ATOM   62  O  "O4'" . C   A 1 3  ? -7.759  2.975   12.699  1.00 20.43 ? 3   C   A "O4'" 1 
ATOM   63  C  "C3'" . C   A 1 3  ? -5.553  3.630   12.324  1.00 21.35 ? 3   C   A "C3'" 1 
ATOM   64  O  "O3'" . C   A 1 3  ? -4.429  4.422   12.758  1.00 20.42 ? 3   C   A "O3'" 1 
ATOM   65  C  "C2'" . C   A 1 3  ? -5.526  2.208   12.860  1.00 17.38 ? 3   C   A "C2'" 1 
ATOM   66  O  "O2'" . C   A 1 3  ? -5.149  2.240   14.221  1.00 22.41 ? 3   C   A "O2'" 1 
ATOM   67  C  "C1'" . C   A 1 3  ? -6.989  1.771   12.712  1.00 16.77 ? 3   C   A "C1'" 1 
ATOM   68  N  N1    . C   A 1 3  ? -7.203  1.087   11.411  1.00 17.56 ? 3   C   A N1    1 
ATOM   69  C  C2    . C   A 1 3  ? -6.791  -0.217  11.287  1.00 20.13 ? 3   C   A C2    1 
ATOM   70  O  O2    . C   A 1 3  ? -6.291  -0.765  12.300  1.00 19.47 ? 3   C   A O2    1 
ATOM   71  N  N3    . C   A 1 3  ? -6.953  -0.860  10.083  1.00 17.18 ? 3   C   A N3    1 
ATOM   72  C  C4    . C   A 1 3  ? -7.558  -0.238  9.067   1.00 24.55 ? 3   C   A C4    1 
ATOM   73  N  N4    . C   A 1 3  ? -7.790  -0.928  7.946   1.00 18.40 ? 3   C   A N4    1 
ATOM   74  C  C5    . C   A 1 3  ? -7.988  1.108   9.174   1.00 22.13 ? 3   C   A C5    1 
ATOM   75  C  C6    . C   A 1 3  ? -7.795  1.736   10.343  1.00 18.04 ? 3   C   A C6    1 
ATOM   76  P  P     . G   A 1 4  ? -3.163  4.566   11.818  1.00 23.77 ? 4   G   A P     1 
ATOM   77  O  OP1   . G   A 1 4  ? -2.204  5.493   12.431  1.00 31.90 ? 4   G   A OP1   1 
ATOM   78  O  OP2   . G   A 1 4  ? -3.554  4.670   10.375  1.00 27.54 ? 4   G   A OP2   1 
ATOM   79  O  "O5'" . G   A 1 4  ? -2.519  3.095   11.904  1.00 23.42 ? 4   G   A "O5'" 1 
ATOM   80  C  "C5'" . G   A 1 4  ? -2.114  2.576   13.176  1.00 22.98 ? 4   G   A "C5'" 1 
ATOM   81  C  "C4'" . G   A 1 4  ? -1.746  1.128   13.045  1.00 27.41 ? 4   G   A "C4'" 1 
ATOM   82  O  "O4'" . G   A 1 4  ? -2.900  0.365   12.605  1.00 19.28 ? 4   G   A "O4'" 1 
ATOM   83  C  "C3'" . G   A 1 4  ? -0.692  0.821   12.003  1.00 27.89 ? 4   G   A "C3'" 1 
ATOM   84  O  "O3'" . G   A 1 4  ? 0.622   1.106   12.489  1.00 24.51 ? 4   G   A "O3'" 1 
ATOM   85  C  "C2'" . G   A 1 4  ? -0.926  -0.660  11.781  1.00 20.54 ? 4   G   A "C2'" 1 
ATOM   86  O  "O2'" . G   A 1 4  ? -0.489  -1.407  12.928  1.00 21.10 ? 4   G   A "O2'" 1 
ATOM   87  C  "C1'" . G   A 1 4  ? -2.457  -0.725  11.782  1.00 22.76 ? 4   G   A "C1'" 1 
ATOM   88  N  N9    . G   A 1 4  ? -3.011  -0.569  10.434  1.00 19.98 ? 4   G   A N9    1 
ATOM   89  C  C8    . G   A 1 4  ? -3.653  0.516   9.897   1.00 18.10 ? 4   G   A C8    1 
ATOM   90  N  N7    . G   A 1 4  ? -4.014  0.342   8.638   1.00 19.68 ? 4   G   A N7    1 
ATOM   91  C  C5    . G   A 1 4  ? -3.575  -0.954  8.333   1.00 17.98 ? 4   G   A C5    1 
ATOM   92  C  C6    . G   A 1 4  ? -3.672  -1.713  7.132   1.00 29.03 ? 4   G   A C6    1 
ATOM   93  O  O6    . G   A 1 4  ? -4.211  -1.412  6.071   1.00 17.76 ? 4   G   A O6    1 
ATOM   94  N  N1    . G   A 1 4  ? -3.067  -2.961  7.270   1.00 14.70 ? 4   G   A N1    1 
ATOM   95  C  C2    . G   A 1 4  ? -2.460  -3.414  8.395   1.00 22.25 ? 4   G   A C2    1 
ATOM   96  N  N2    . G   A 1 4  ? -1.883  -4.647  8.316   1.00 19.48 ? 4   G   A N2    1 
ATOM   97  N  N3    . G   A 1 4  ? -2.394  -2.743  9.510   1.00 17.04 ? 4   G   A N3    1 
ATOM   98  C  C4    . G   A 1 4  ? -2.956  -1.527  9.420   1.00 22.12 ? 4   G   A C4    1 
ATOM   99  P  P     . C   A 1 5  ? 1.720   1.631   11.484  1.00 27.78 ? 5   C   A P     1 
ATOM   100 O  OP1   . C   A 1 5  ? 2.857   2.105   12.384  1.00 29.73 ? 5   C   A OP1   1 
ATOM   101 O  OP2   . C   A 1 5  ? 1.211   2.494   10.437  1.00 27.58 ? 5   C   A OP2   1 
ATOM   102 O  "O5'" . C   A 1 5  ? 2.267   0.293   10.814  1.00 24.00 ? 5   C   A "O5'" 1 
ATOM   103 C  "C5'" . C   A 1 5  ? 2.710   -0.806  11.669  1.00 29.98 ? 5   C   A "C5'" 1 
ATOM   104 C  "C4'" . C   A 1 5  ? 2.945   -2.054  10.862  1.00 18.95 ? 5   C   A "C4'" 1 
ATOM   105 O  "O4'" . C   A 1 5  ? 1.709   -2.648  10.409  1.00 21.42 ? 5   C   A "O4'" 1 
ATOM   106 C  "C3'" . C   A 1 5  ? 3.768   -1.968  9.592   1.00 25.57 ? 5   C   A "C3'" 1 
ATOM   107 O  "O3'" . C   A 1 5  ? 5.151   -1.844  9.855   1.00 24.13 ? 5   C   A "O3'" 1 
ATOM   108 C  "C2'" . C   A 1 5  ? 3.407   -3.279  8.918   1.00 22.42 ? 5   C   A "C2'" 1 
ATOM   109 O  "O2'" . C   A 1 5  ? 4.058   -4.360  9.634   1.00 26.66 ? 5   C   A "O2'" 1 
ATOM   110 C  "C1'" . C   A 1 5  ? 1.919   -3.352  9.189   1.00 23.23 ? 5   C   A "C1'" 1 
ATOM   111 N  N1    . C   A 1 5  ? 1.187   -2.635  8.153   1.00 17.53 ? 5   C   A N1    1 
ATOM   112 C  C2    . C   A 1 5  ? 0.900   -3.299  6.956   1.00 21.37 ? 5   C   A C2    1 
ATOM   113 O  O2    . C   A 1 5  ? 1.319   -4.462  6.795   1.00 19.64 ? 5   C   A O2    1 
ATOM   114 N  N3    . C   A 1 5  ? 0.183   -2.671  6.008   1.00 21.58 ? 5   C   A N3    1 
ATOM   115 C  C4    . C   A 1 5  ? -0.271  -1.417  6.223   1.00 17.85 ? 5   C   A C4    1 
ATOM   116 N  N4    . C   A 1 5  ? -1.049  -0.877  5.288   1.00 18.81 ? 5   C   A N4    1 
ATOM   117 C  C5    . C   A 1 5  ? 0.039   -0.693  7.409   1.00 17.45 ? 5   C   A C5    1 
ATOM   118 C  C6    . C   A 1 5  ? 0.770   -1.334  8.355   1.00 27.64 ? 5   C   A C6    1 
ATOM   119 P  P     . G   A 1 6  ? 6.074   -0.905  8.919   1.00 24.77 ? 6   G   A P     1 
ATOM   120 O  OP1   . G   A 1 6  ? 7.397   -0.746  9.578   1.00 36.13 ? 6   G   A OP1   1 
ATOM   121 O  OP2   . G   A 1 6  ? 5.328   0.307   8.357   1.00 24.61 ? 6   G   A OP2   1 
ATOM   122 O  "O5'" . G   A 1 6  ? 6.299   -1.755  7.605   1.00 21.80 ? 6   G   A "O5'" 1 
ATOM   123 C  "C5'" . G   A 1 6  ? 7.019   -2.960  7.708   1.00 21.70 ? 6   G   A "C5'" 1 
ATOM   124 C  "C4'" . G   A 1 6  ? 6.763   -3.792  6.502   1.00 21.15 ? 6   G   A "C4'" 1 
ATOM   125 O  "O4'" . G   A 1 6  ? 5.335   -4.076  6.339   1.00 19.42 ? 6   G   A "O4'" 1 
ATOM   126 C  "C3'" . G   A 1 6  ? 7.180   -3.176  5.180   1.00 22.68 ? 6   G   A "C3'" 1 
ATOM   127 O  "O3'" . G   A 1 6  ? 8.580   -3.279  4.968   1.00 27.82 ? 6   G   A "O3'" 1 
ATOM   128 C  "C2'" . G   A 1 6  ? 6.408   -4.035  4.204   1.00 27.22 ? 6   G   A "C2'" 1 
ATOM   129 O  "O2'" . G   A 1 6  ? 7.077   -5.294  4.010   1.00 22.92 ? 6   G   A "O2'" 1 
ATOM   130 C  "C1'" . G   A 1 6  ? 5.065   -4.195  4.939   1.00 23.91 ? 6   G   A "C1'" 1 
ATOM   131 N  N9    . G   A 1 6  ? 4.152   -3.109  4.556   1.00 17.39 ? 6   G   A N9    1 
ATOM   132 C  C8    . G   A 1 6  ? 3.774   -2.009  5.292   1.00 19.78 ? 6   G   A C8    1 
ATOM   133 N  N7    . G   A 1 6  ? 2.943   -1.208  4.641   1.00 16.16 ? 6   G   A N7    1 
ATOM   134 C  C5    . G   A 1 6  ? 2.751   -1.838  3.416   1.00 16.15 ? 6   G   A C5    1 
ATOM   135 C  C6    . G   A 1 6  ? 1.953   -1.492  2.354   1.00 21.56 ? 6   G   A C6    1 
ATOM   136 O  O6    . G   A 1 6  ? 1.231   -0.496  2.255   1.00 19.95 ? 6   G   A O6    1 
ATOM   137 N  N1    . G   A 1 6  ? 2.044   -2.425  1.297   1.00 19.99 ? 6   G   A N1    1 
ATOM   138 C  C2    . G   A 1 6  ? 2.873   -3.531  1.284   1.00 22.55 ? 6   G   A C2    1 
ATOM   139 N  N2    . G   A 1 6  ? 2.937   -4.235  0.165   1.00 19.63 ? 6   G   A N2    1 
ATOM   140 N  N3    . G   A 1 6  ? 3.622   -3.881  2.320   1.00 16.92 ? 6   G   A N3    1 
ATOM   141 C  C4    . G   A 1 6  ? 3.507   -3.009  3.336   1.00 18.37 ? 6   G   A C4    1 
ATOM   142 P  P     . G   A 1 7  ? 9.311   -2.266  3.941   1.00 26.32 ? 7   G   A P     1 
ATOM   143 O  OP1   . G   A 1 7  ? 10.774  -2.607  3.857   1.00 28.30 ? 7   G   A OP1   1 
ATOM   144 O  OP2   . G   A 1 7  ? 8.907   -0.887  4.269   1.00 24.68 ? 7   G   A OP2   1 
ATOM   145 O  "O5'" . G   A 1 7  ? 8.702   -2.695  2.529   1.00 24.11 ? 7   G   A "O5'" 1 
ATOM   146 C  "C5'" . G   A 1 7  ? 8.877   -3.988  1.964   1.00 24.08 ? 7   G   A "C5'" 1 
ATOM   147 C  "C4'" . G   A 1 7  ? 8.316   -3.983  0.557   1.00 28.97 ? 7   G   A "C4'" 1 
ATOM   148 O  "O4'" . G   A 1 7  ? 6.874   -3.889  0.594   1.00 27.43 ? 7   G   A "O4'" 1 
ATOM   149 C  "C3'" . G   A 1 7  ? 8.733   -2.777  -0.260  1.00 25.18 ? 7   G   A "C3'" 1 
ATOM   150 O  "O3'" . G   A 1 7  ? 10.053  -2.912  -0.796  1.00 21.04 ? 7   G   A "O3'" 1 
ATOM   151 C  "C2'" . G   A 1 7  ? 7.647   -2.700  -1.324  1.00 27.25 ? 7   G   A "C2'" 1 
ATOM   152 O  "O2'" . G   A 1 7  ? 7.894   -3.602  -2.393  1.00 24.02 ? 7   G   A "O2'" 1 
ATOM   153 C  "C1'" . G   A 1 7  ? 6.410   -3.131  -0.517  1.00 27.90 ? 7   G   A "C1'" 1 
ATOM   154 N  N9    . G   A 1 7  ? 5.706   -1.947  -0.003  1.00 19.63 ? 7   G   A N9    1 
ATOM   155 C  C8    . G   A 1 7  ? 5.902   -1.336  1.202   1.00 17.96 ? 7   G   A C8    1 
ATOM   156 N  N7    . G   A 1 7  ? 5.132   -0.288  1.376   1.00 21.93 ? 7   G   A N7    1 
ATOM   157 C  C5    . G   A 1 7  ? 4.358   -0.231  0.218   1.00 19.18 ? 7   G   A C5    1 
ATOM   158 C  C6    . G   A 1 7  ? 3.328   0.663   -0.148  1.00 25.99 ? 7   G   A C6    1 
ATOM   159 O  O6    . G   A 1 7  ? 2.862   1.574   0.501   1.00 22.06 ? 7   G   A O6    1 
ATOM   160 N  N1    . G   A 1 7  ? 2.826   0.391   -1.409  1.00 18.98 ? 7   G   A N1    1 
ATOM   161 C  C2    . G   A 1 7  ? 3.255   -0.615  -2.223  1.00 23.96 ? 7   G   A C2    1 
ATOM   162 N  N2    . G   A 1 7  ? 2.636   -0.720  -3.422  1.00 16.71 ? 7   G   A N2    1 
ATOM   163 N  N3    . G   A 1 7  ? 4.218   -1.467  -1.894  1.00 25.74 ? 7   G   A N3    1 
ATOM   164 C  C4    . G   A 1 7  ? 4.716   -1.219  -0.658  1.00 19.21 ? 7   G   A C4    1 
ATOM   165 P  P     . C   A 1 8  ? 10.877  -1.576  -1.168  1.00 30.31 ? 8   C   A P     1 
ATOM   166 O  OP1   . C   A 1 8  ? 12.168  -2.025  -1.776  1.00 31.62 ? 8   C   A OP1   1 
ATOM   167 O  OP2   . C   A 1 8  ? 10.868  -0.662  -0.019  1.00 24.77 ? 8   C   A OP2   1 
ATOM   168 O  "O5'" . C   A 1 8  ? 9.924   -1.033  -2.313  1.00 30.93 ? 8   C   A "O5'" 1 
ATOM   169 C  "C5'" . C   A 1 8  ? 9.780   0.344   -2.638  1.00 24.43 ? 8   C   A "C5'" 1 
ATOM   170 C  "C4'" . C   A 1 8  ? 8.973   0.391   -3.903  1.00 17.17 ? 8   C   A "C4'" 1 
ATOM   171 O  "O4'" . C   A 1 8  ? 7.627   -0.065  -3.623  1.00 20.39 ? 8   C   A "O4'" 1 
ATOM   172 C  "C3'" . C   A 1 8  ? 8.744   1.742   -4.566  1.00 16.40 ? 8   C   A "C3'" 1 
ATOM   173 O  "O3'" . C   A 1 8  ? 9.904   2.097   -5.281  1.00 17.47 ? 8   C   A "O3'" 1 
ATOM   174 C  "C2'" . C   A 1 8  ? 7.539   1.457   -5.450  1.00 21.53 ? 8   C   A "C2'" 1 
ATOM   175 O  "O2'" . C   A 1 8  ? 7.942   0.783   -6.626  1.00 23.29 ? 8   C   A "O2'" 1 
ATOM   176 C  "C1'" . C   A 1 8  ? 6.698   0.558   -4.538  1.00 22.81 ? 8   C   A "C1'" 1 
ATOM   177 N  N1    . C   A 1 8  ? 5.758   1.433   -3.751  1.00 19.71 ? 8   C   A N1    1 
ATOM   178 C  C2    . C   A 1 8  ? 4.653   1.964   -4.419  1.00 22.00 ? 8   C   A C2    1 
ATOM   179 O  O2    . C   A 1 8  ? 4.472   1.622   -5.591  1.00 19.73 ? 8   C   A O2    1 
ATOM   180 N  N3    . C   A 1 8  ? 3.836   2.837   -3.774  1.00 19.72 ? 8   C   A N3    1 
ATOM   181 C  C4    . C   A 1 8  ? 4.088   3.198   -2.530  1.00 21.57 ? 8   C   A C4    1 
ATOM   182 N  N4    . C   A 1 8  ? 3.284   4.141   -1.977  1.00 17.92 ? 8   C   A N4    1 
ATOM   183 C  C5    . C   A 1 8  ? 5.181   2.636   -1.789  1.00 19.60 ? 8   C   A C5    1 
ATOM   184 C  C6    . C   A 1 8  ? 5.986   1.767   -2.437  1.00 20.61 ? 8   C   A C6    1 
ATOM   185 P  P     . A   A 1 9  ? 10.254  3.658   -5.411  1.00 20.15 ? 9   A   A P     1 
ATOM   186 O  OP1   . A   A 1 9  ? 8.985   4.444   -5.819  1.00 29.12 ? 9   A   A OP1   1 
ATOM   187 O  OP2   . A   A 1 9  ? 11.459  3.786   -6.228  1.00 22.76 ? 9   A   A OP2   1 
ATOM   188 O  "O5'" . A   A 1 9  ? 10.560  4.199   -3.954  1.00 21.46 ? 9   A   A "O5'" 1 
ATOM   189 C  "C5'" . A   A 1 9  ? 11.647  3.622   -3.191  1.00 22.93 ? 9   A   A "C5'" 1 
ATOM   190 C  "C4'" . A   A 1 9  ? 12.467  4.693   -2.577  1.00 20.48 ? 9   A   A "C4'" 1 
ATOM   191 O  "O4'" . A   A 1 9  ? 13.081  5.476   -3.636  1.00 23.03 ? 9   A   A "O4'" 1 
ATOM   192 C  "C3'" . A   A 1 9  ? 11.734  5.718   -1.734  1.00 25.62 ? 9   A   A "C3'" 1 
ATOM   193 O  "O3'" . A   A 1 9  ? 11.579  5.313   -0.415  1.00 25.14 ? 9   A   A "O3'" 1 
ATOM   194 C  "C2'" . A   A 1 9  ? 12.676  6.918   -1.778  1.00 29.72 ? 9   A   A "C2'" 1 
ATOM   195 O  "O2'" . A   A 1 9  ? 13.771  6.761   -0.905  1.00 31.02 ? 9   A   A "O2'" 1 
ATOM   196 C  "C1'" . A   A 1 9  ? 13.185  6.825   -3.202  1.00 23.90 ? 9   A   A "C1'" 1 
ATOM   197 N  N9    . A   A 1 9  ? 12.411  7.684   -4.105  1.00 20.66 ? 9   A   A N9    1 
ATOM   198 C  C8    . A   A 1 9  ? 11.810  7.355   -5.296  1.00 24.19 ? 9   A   A C8    1 
ATOM   199 N  N7    . A   A 1 9  ? 11.208  8.374   -5.874  1.00 22.87 ? 9   A   A N7    1 
ATOM   200 C  C5    . A   A 1 9  ? 11.435  9.425   -5.022  1.00 19.15 ? 9   A   A C5    1 
ATOM   201 C  C6    . A   A 1 9  ? 11.108  10.782  -5.095  1.00 14.48 ? 9   A   A C6    1 
ATOM   202 N  N6    . A   A 1 9  ? 10.361  11.299  -6.077  1.00 20.64 ? 9   A   A N6    1 
ATOM   203 N  N1    . A   A 1 9  ? 11.567  11.580  -4.118  1.00 19.51 ? 9   A   A N1    1 
ATOM   204 C  C2    . A   A 1 9  ? 12.255  11.054  -3.112  1.00 30.59 ? 9   A   A C2    1 
ATOM   205 N  N3    . A   A 1 9  ? 12.589  9.793   -2.911  1.00 24.31 ? 9   A   A N3    1 
ATOM   206 C  C4    . A   A 1 9  ? 12.168  9.028   -3.923  1.00 19.95 ? 9   A   A C4    1 
ATOM   207 P  P     . C   A 1 10 ? 10.125  5.142   0.175   1.00 25.54 ? 10  C   A P     1 
ATOM   208 O  OP1   . C   A 1 10 ? 10.185  4.946   1.641   1.00 27.03 ? 10  C   A OP1   1 
ATOM   209 O  OP2   . C   A 1 10 ? 9.348   4.232   -0.686  1.00 25.94 ? 10  C   A OP2   1 
ATOM   210 O  "O5'" . C   A 1 10 ? 9.458   6.602   -0.027  1.00 28.29 ? 10  C   A "O5'" 1 
ATOM   211 C  "C5'" . C   A 1 10 ? 9.755   7.687   0.873   1.00 28.72 ? 10  C   A "C5'" 1 
ATOM   212 C  "C4'" . C   A 1 10 ? 9.009   8.960   0.441   1.00 21.10 ? 10  C   A "C4'" 1 
ATOM   213 O  "O4'" . C   A 1 10 ? 9.515   9.465   -0.802  1.00 22.84 ? 10  C   A "O4'" 1 
ATOM   214 C  "C3'" . C   A 1 10 ? 7.526   8.739   0.167   1.00 23.42 ? 10  C   A "C3'" 1 
ATOM   215 O  "O3'" . C   A 1 10 ? 6.870   8.703   1.391   1.00 25.94 ? 10  C   A "O3'" 1 
ATOM   216 C  "C2'" . C   A 1 10 ? 7.181   9.935   -0.727  1.00 18.75 ? 10  C   A "C2'" 1 
ATOM   217 O  "O2'" . C   A 1 10 ? 7.203   11.137  -0.003  1.00 21.61 ? 10  C   A "O2'" 1 
ATOM   218 C  "C1'" . C   A 1 10 ? 8.431   9.993   -1.599  1.00 22.84 ? 10  C   A "C1'" 1 
ATOM   219 N  N1    . C   A 1 10 ? 8.320   9.173   -2.819  1.00 22.36 ? 10  C   A N1    1 
ATOM   220 C  C2    . C   A 1 10 ? 7.608   9.646   -3.897  1.00 19.34 ? 10  C   A C2    1 
ATOM   221 O  O2    . C   A 1 10 ? 7.031   10.746  -3.790  1.00 21.90 ? 10  C   A O2    1 
ATOM   222 N  N3    . C   A 1 10 ? 7.546   8.918   -5.025  1.00 18.52 ? 10  C   A N3    1 
ATOM   223 C  C4    . C   A 1 10 ? 8.149   7.721   -5.108  1.00 19.40 ? 10  C   A C4    1 
ATOM   224 N  N4    . C   A 1 10 ? 8.055   7.045   -6.258  1.00 17.63 ? 10  C   A N4    1 
ATOM   225 C  C5    . C   A 1 10 ? 8.857   7.191   -4.019  1.00 18.98 ? 10  C   A C5    1 
ATOM   226 C  C6    . C   A 1 10 ? 8.925   7.944   -2.896  1.00 18.12 ? 10  C   A C6    1 
ATOM   227 P  P     . C   A 1 11 ? 5.551   7.775   1.570   1.00 23.51 ? 11  C   A P     1 
ATOM   228 O  OP1   . C   A 1 11 ? 5.127   7.809   2.952   1.00 32.05 ? 11  C   A OP1   1 
ATOM   229 O  OP2   . C   A 1 11 ? 5.700   6.434   0.867   1.00 20.73 ? 11  C   A OP2   1 
ATOM   230 O  "O5'" . C   A 1 11 ? 4.471   8.557   0.673   1.00 20.56 ? 11  C   A "O5'" 1 
ATOM   231 C  "C5'" . C   A 1 11 ? 4.030   9.841   1.063   1.00 21.18 ? 11  C   A "C5'" 1 
ATOM   232 C  "C4'" . C   A 1 11 ? 3.029   10.371  0.027   1.00 18.10 ? 11  C   A "C4'" 1 
ATOM   233 O  "O4'" . C   A 1 11 ? 3.704   10.526  -1.209  1.00 20.92 ? 11  C   A "O4'" 1 
ATOM   234 C  "C3'" . C   A 1 11 ? 1.900   9.447   -0.317  1.00 20.40 ? 11  C   A "C3'" 1 
ATOM   235 O  "O3'" . C   A 1 11 ? 0.931   9.550   0.653   1.00 22.57 ? 11  C   A "O3'" 1 
ATOM   236 C  "C2'" . C   A 1 11 ? 1.465   9.969   -1.665  1.00 20.97 ? 11  C   A "C2'" 1 
ATOM   237 O  "O2'" . C   A 1 11 ? 0.824   11.213  -1.439  1.00 22.42 ? 11  C   A "O2'" 1 
ATOM   238 C  "C1'" . C   A 1 11 ? 2.820   10.266  -2.277  1.00 22.97 ? 11  C   A "C1'" 1 
ATOM   239 N  N1    . C   A 1 11 ? 3.302   9.109   -3.031  1.00 22.76 ? 11  C   A N1    1 
ATOM   240 C  C2    . C   A 1 11 ? 2.663   8.810   -4.214  1.00 20.91 ? 11  C   A C2    1 
ATOM   241 O  O2    . C   A 1 11 ? 1.684   9.520   -4.561  1.00 21.96 ? 11  C   A O2    1 
ATOM   242 N  N3    . C   A 1 11 ? 3.070   7.785   -4.956  1.00 16.06 ? 11  C   A N3    1 
ATOM   243 C  C4    . C   A 1 11 ? 4.094   7.027   -4.534  1.00 18.02 ? 11  C   A C4    1 
ATOM   244 N  N4    . C   A 1 11 ? 4.460   6.025   -5.346  1.00 18.45 ? 11  C   A N4    1 
ATOM   245 C  C5    . C   A 1 11 ? 4.764   7.280   -3.297  1.00 21.61 ? 11  C   A C5    1 
ATOM   246 C  C6    . C   A 1 11 ? 4.341   8.333   -2.580  1.00 27.42 ? 11  C   A C6    1 
ATOM   247 P  P     . G   A 1 12 ? 0.054   8.283   1.036   1.00 23.39 ? 12  G   A P     1 
ATOM   248 O  OP1   . G   A 1 12 ? -0.769  8.754   2.177   1.00 26.64 ? 12  G   A OP1   1 
ATOM   249 O  OP2   . G   A 1 12 ? 0.908   7.013   1.162   1.00 22.48 ? 12  G   A OP2   1 
ATOM   250 O  "O5'" . G   A 1 12 ? -0.806  8.042   -0.291  1.00 22.41 ? 12  G   A "O5'" 1 
ATOM   251 C  "C5'" . G   A 1 12 ? -1.743  9.066   -0.735  1.00 26.13 ? 12  G   A "C5'" 1 
ATOM   252 C  "C4'" . G   A 1 12 ? -2.407  8.660   -2.043  1.00 18.61 ? 12  G   A "C4'" 1 
ATOM   253 O  "O4'" . G   A 1 12 ? -1.455  8.688   -3.120  1.00 21.35 ? 12  G   A "O4'" 1 
ATOM   254 C  "C3'" . G   A 1 12 ? -3.029  7.277   -2.119  1.00 16.63 ? 12  G   A "C3'" 1 
ATOM   255 O  "O3'" A G   A 1 12 ? -4.345  7.389   -1.637  0.60 25.84 ? 12  G   A "O3'" 1 
ATOM   256 O  "O3'" B G   A 1 12 ? -4.304  7.201   -1.520  0.40 26.15 ? 12  G   A "O3'" 1 
ATOM   257 C  "C2'" . G   A 1 12 ? -3.083  7.030   -3.625  1.00 28.70 ? 12  G   A "C2'" 1 
ATOM   258 O  "O2'" . G   A 1 12 ? -4.164  7.742   -4.258  1.00 26.58 ? 12  G   A "O2'" 1 
ATOM   259 C  "C1'" . G   A 1 12 ? -1.801  7.714   -4.087  1.00 20.14 ? 12  G   A "C1'" 1 
ATOM   260 N  N9    . G   A 1 12 ? -0.731  6.715   -4.184  1.00 16.99 ? 12  G   A N9    1 
ATOM   261 C  C8    . G   A 1 12 ? 0.216   6.366   -3.231  1.00 24.09 ? 12  G   A C8    1 
ATOM   262 N  N7    . G   A 1 12 ? 1.054   5.475   -3.675  1.00 21.41 ? 12  G   A N7    1 
ATOM   263 C  C5    . G   A 1 12 ? 0.607   5.209   -4.973  1.00 19.17 ? 12  G   A C5    1 
ATOM   264 C  C6    . G   A 1 12 ? 1.092   4.319   -5.941  1.00 23.82 ? 12  G   A C6    1 
ATOM   265 O  O6    . G   A 1 12 ? 2.060   3.527   -5.849  1.00 23.39 ? 12  G   A O6    1 
ATOM   266 N  N1    . G   A 1 12 ? 0.327   4.377   -7.125  1.00 15.76 ? 12  G   A N1    1 
ATOM   267 C  C2    . G   A 1 12 ? -0.771  5.170   -7.312  1.00 20.73 ? 12  G   A C2    1 
ATOM   268 N  N2    . G   A 1 12 ? -1.351  5.072   -8.491  1.00 19.07 ? 12  G   A N2    1 
ATOM   269 N  N3    . G   A 1 12 ? -1.244  5.994   -6.386  1.00 17.48 ? 12  G   A N3    1 
ATOM   270 C  C4    . G   A 1 12 ? -0.497  5.971   -5.271  1.00 20.10 ? 12  G   A C4    1 
ATOM   271 P  P     A U   A 1 13 ? -4.813  6.618   -0.311  0.60 40.95 ? 13  U   A P     1 
ATOM   272 P  P     B U   A 1 13 ? -4.958  5.768   -1.200  0.40 23.91 ? 13  U   A P     1 
ATOM   273 O  OP1   A U   A 1 13 ? -5.297  7.602   0.692   0.60 42.37 ? 13  U   A OP1   1 
ATOM   274 O  OP1   B U   A 1 13 ? -5.856  5.974   -0.050  0.40 29.52 ? 13  U   A OP1   1 
ATOM   275 O  OP2   A U   A 1 13 ? -3.861  5.580   0.104   0.60 34.32 ? 13  U   A OP2   1 
ATOM   276 O  OP2   B U   A 1 13 ? -3.940  4.699   -1.162  0.40 30.66 ? 13  U   A OP2   1 
ATOM   277 O  "O5'" A U   A 1 13 ? -6.091  5.867   -0.846  0.60 22.32 ? 13  U   A "O5'" 1 
ATOM   278 O  "O5'" B U   A 1 13 ? -5.808  5.442   -2.498  0.40 35.05 ? 13  U   A "O5'" 1 
ATOM   279 C  "C5'" A U   A 1 13 ? -7.188  6.654   -1.424  0.60 22.23 ? 13  U   A "C5'" 1 
ATOM   280 C  "C5'" B U   A 1 13 ? -6.947  6.212   -2.808  0.40 22.74 ? 13  U   A "C5'" 1 
ATOM   281 C  "C4'" A U   A 1 13 ? -7.851  5.932   -2.581  0.60 20.46 ? 13  U   A "C4'" 1 
ATOM   282 C  "C4'" B U   A 1 13 ? -7.627  5.653   -4.026  0.40 25.58 ? 13  U   A "C4'" 1 
ATOM   283 O  "O4'" A U   A 1 13 ? -9.012  6.719   -2.956  0.60 17.96 ? 13  U   A "O4'" 1 
ATOM   284 O  "O4'" B U   A 1 13 ? -9.002  6.092   -4.003  0.40 18.71 ? 13  U   A "O4'" 1 
ATOM   285 C  "C3'" A U   A 1 13 ? -7.040  5.772   -3.863  0.60 30.14 ? 13  U   A "C3'" 1 
ATOM   286 C  "C3'" B U   A 1 13 ? -7.027  6.122   -5.346  0.40 13.10 ? 13  U   A "C3'" 1 
ATOM   287 O  "O3'" A U   A 1 13 ? -7.485  4.550   -4.484  0.60 20.33 ? 13  U   A "O3'" 1 
ATOM   288 O  "O3'" B U   A 1 13 ? -7.092  5.110   -6.345  0.40 15.55 ? 13  U   A "O3'" 1 
ATOM   289 C  "C2'" A U   A 1 13 ? -7.506  6.974   -4.704  0.60 21.23 ? 13  U   A "C2'" 1 
ATOM   290 C  "C2'" B U   A 1 13 ? -7.933  7.281   -5.729  0.40 25.98 ? 13  U   A "C2'" 1 
ATOM   291 O  "O2'" A U   A 1 13 ? -7.361  6.770   -6.096  0.60 25.95 ? 13  U   A "O2'" 1 
ATOM   292 O  "O2'" B U   A 1 13 ? -7.973  7.488   -7.132  0.40 19.94 ? 13  U   A "O2'" 1 
ATOM   293 C  "C1'" A U   A 1 13 ? -8.983  7.025   -4.327  0.60 25.20 ? 13  U   A "C1'" 1 
ATOM   294 C  "C1'" B U   A 1 13 ? -9.279  6.801   -5.172  0.40 14.96 ? 13  U   A "C1'" 1 
ATOM   295 N  N1    A U   A 1 13 ? -9.696  8.301   -4.516  0.60 18.36 ? 13  U   A N1    1 
ATOM   296 N  N1    B U   A 1 13 ? -10.191 7.888   -4.821  0.40 20.29 ? 13  U   A N1    1 
ATOM   297 C  C2    A U   A 1 13 ? -10.655 8.377   -5.519  0.60 19.23 ? 13  U   A C2    1 
ATOM   298 C  C2    B U   A 1 13 ? -11.202 8.134   -5.684  0.40 19.04 ? 13  U   A C2    1 
ATOM   299 O  O2    A U   A 1 13 ? -10.894 7.445   -6.256  0.60 21.53 ? 13  U   A O2    1 
ATOM   300 O  O2    B U   A 1 13 ? -11.369 7.462   -6.699  0.40 18.63 ? 13  U   A O2    1 
ATOM   301 N  N3    A U   A 1 13 ? -11.322 9.590   -5.605  0.60 18.04 ? 13  U   A N3    1 
ATOM   302 N  N3    B U   A 1 13 ? -12.017 9.190   -5.331  0.40 15.54 ? 13  U   A N3    1 
ATOM   303 C  C4    A U   A 1 13 ? -11.123 10.694  -4.798  0.60 29.52 ? 13  U   A C4    1 
ATOM   304 C  C4    B U   A 1 13 ? -11.897 9.993   -4.212  0.40 22.82 ? 13  U   A C4    1 
ATOM   305 O  O4    A U   A 1 13 ? -11.859 11.679  -4.905  0.60 26.48 ? 13  U   A O4    1 
ATOM   306 O  O4    B U   A 1 13 ? -12.643 10.961  -4.056  0.40 20.23 ? 13  U   A O4    1 
ATOM   307 C  C5    A U   A 1 13 ? -10.109 10.527  -3.817  0.60 21.28 ? 13  U   A C5    1 
ATOM   308 C  C5    B U   A 1 13 ? -10.816 9.644   -3.364  0.40 19.08 ? 13  U   A C5    1 
ATOM   309 C  C6    A U   A 1 13 ? -9.440  9.370   -3.717  0.60 25.95 ? 13  U   A C6    1 
ATOM   310 C  C6    B U   A 1 13 ? -10.026 8.622   -3.692  0.40 10.77 ? 13  U   A C6    1 
ATOM   311 P  P     A C   A 1 14 ? -6.808  3.098   -4.068  0.60 21.89 ? 14  C   A P     1 
ATOM   312 P  P     B C   A 1 14 ? -5.833  4.868   -7.287  0.40 16.05 ? 14  C   A P     1 
ATOM   313 O  OP1   A C   A 1 14 ? -7.538  2.054   -4.850  0.60 29.48 ? 14  C   A OP1   1 
ATOM   314 O  OP1   B C   A 1 14 ? -5.370  6.091   -7.980  0.40 18.49 ? 14  C   A OP1   1 
ATOM   315 O  OP2   A C   A 1 14 ? -6.774  3.007   -2.612  0.60 19.79 ? 14  C   A OP2   1 
ATOM   316 O  OP2   B C   A 1 14 ? -6.168  3.686   -8.084  0.40 24.02 ? 14  C   A OP2   1 
ATOM   317 O  "O5'" A C   A 1 14 ? -5.319  3.236   -4.588  0.60 19.79 ? 14  C   A "O5'" 1 
ATOM   318 O  "O5'" B C   A 1 14 ? -4.717  4.491   -6.242  0.40 16.82 ? 14  C   A "O5'" 1 
ATOM   319 C  "C5'" A C   A 1 14 ? -4.999  3.177   -5.971  0.60 20.21 ? 14  C   A "C5'" 1 
ATOM   320 C  "C5'" B C   A 1 14 ? -4.816  3.228   -5.644  0.40 20.21 ? 14  C   A "C5'" 1 
ATOM   321 C  "C4'" . C   A 1 14 ? -3.728  2.382   -6.175  1.00 18.00 ? 14  C   A "C4'" 1 
ATOM   322 O  "O4'" . C   A 1 14 ? -2.544  3.060   -5.763  1.00 18.20 ? 14  C   A "O4'" 1 
ATOM   323 C  "C3'" . C   A 1 14 ? -3.650  1.023   -5.535  1.00 16.72 ? 14  C   A "C3'" 1 
ATOM   324 O  "O3'" . C   A 1 14 ? -4.429  0.141   -6.296  1.00 22.51 ? 14  C   A "O3'" 1 
ATOM   325 C  "C2'" . C   A 1 14 ? -2.164  0.732   -5.706  1.00 17.59 ? 14  C   A "C2'" 1 
ATOM   326 O  "O2'" . C   A 1 14 ? -1.920  0.450   -7.056  1.00 22.52 ? 14  C   A "O2'" 1 
ATOM   327 C  "C1'" . C   A 1 14 ? -1.536  2.100   -5.458  1.00 19.35 ? 14  C   A "C1'" 1 
ATOM   328 N  N1    . C   A 1 14 ? -1.117  2.281   -4.048  1.00 17.72 ? 14  C   A N1    1 
ATOM   329 C  C2    . C   A 1 14 ? 0.041   1.661   -3.605  1.00 17.96 ? 14  C   A C2    1 
ATOM   330 O  O2    . C   A 1 14 ? 0.621   0.868   -4.352  1.00 16.68 ? 14  C   A O2    1 
ATOM   331 N  N3    . C   A 1 14 ? 0.492   1.901   -2.350  1.00 19.93 ? 14  C   A N3    1 
ATOM   332 C  C4    . C   A 1 14 ? -0.213  2.725   -1.549  1.00 18.68 ? 14  C   A C4    1 
ATOM   333 N  N4    . C   A 1 14 ? 0.305   3.045   -0.406  1.00 19.41 ? 14  C   A N4    1 
ATOM   334 C  C5    . C   A 1 14 ? -1.453  3.274   -1.944  1.00 22.72 ? 14  C   A C5    1 
ATOM   335 C  C6    . C   A 1 14 ? -1.862  3.041   -3.199  1.00 23.25 ? 14  C   A C6    1 
ATOM   336 P  P     . C   A 1 15 ? -4.984  -1.206  -5.631  1.00 21.72 ? 15  C   A P     1 
ATOM   337 O  OP1   . C   A 1 15 ? -5.790  -1.930  -6.637  1.00 25.11 ? 15  C   A OP1   1 
ATOM   338 O  OP2   . C   A 1 15 ? -5.514  -0.980  -4.281  1.00 21.65 ? 15  C   A OP2   1 
ATOM   339 O  "O5'" . C   A 1 15 ? -3.639  -2.048  -5.424  1.00 22.35 ? 15  C   A "O5'" 1 
ATOM   340 C  "C5'" . C   A 1 15 ? -2.993  -2.630  -6.562  1.00 22.23 ? 15  C   A "C5'" 1 
ATOM   341 C  "C4'" . C   A 1 15 ? -1.818  -3.451  -6.111  1.00 21.60 ? 15  C   A "C4'" 1 
ATOM   342 O  "O4'" . C   A 1 15 ? -0.790  -2.585  -5.541  1.00 21.43 ? 15  C   A "O4'" 1 
ATOM   343 C  "C3'" . C   A 1 15 ? -2.107  -4.424  -4.977  1.00 23.76 ? 15  C   A "C3'" 1 
ATOM   344 O  "O3'" . C   A 1 15 ? -2.714  -5.572  -5.468  1.00 21.21 ? 15  C   A "O3'" 1 
ATOM   345 C  "C2'" . C   A 1 15 ? -0.722  -4.660  -4.409  1.00 19.50 ? 15  C   A "C2'" 1 
ATOM   346 O  "O2'" . C   A 1 15 ? 0.064   -5.447  -5.294  1.00 22.79 ? 15  C   A "O2'" 1 
ATOM   347 C  "C1'" . C   A 1 15 ? -0.156  -3.247  -4.438  1.00 19.25 ? 15  C   A "C1'" 1 
ATOM   348 N  N1    . C   A 1 15 ? -0.448  -2.487  -3.192  1.00 16.66 ? 15  C   A N1    1 
ATOM   349 C  C2    . C   A 1 15 ? 0.416   -2.657  -2.109  1.00 18.66 ? 15  C   A C2    1 
ATOM   350 O  O2    . C   A 1 15 ? 1.339   -3.505  -2.213  1.00 21.97 ? 15  C   A O2    1 
ATOM   351 N  N3    . C   A 1 15 ? 0.231   -1.904  -0.996  1.00 17.59 ? 15  C   A N3    1 
ATOM   352 C  C4    . C   A 1 15 ? -0.779  -1.027  -0.928  1.00 20.22 ? 15  C   A C4    1 
ATOM   353 N  N4    . C   A 1 15 ? -0.859  -0.236  0.180   1.00 17.92 ? 15  C   A N4    1 
ATOM   354 C  C5    . C   A 1 15 ? -1.735  -0.889  -1.990  1.00 15.17 ? 15  C   A C5    1 
ATOM   355 C  C6    . C   A 1 15 ? -1.525  -1.640  -3.098  1.00 17.02 ? 15  C   A C6    1 
ATOM   356 P  P     . G   A 1 16 ? -3.697  -6.387  -4.538  1.00 25.71 ? 16  G   A P     1 
ATOM   357 O  OP1   . G   A 1 16 ? -4.161  -7.500  -5.403  1.00 27.49 ? 16  G   A OP1   1 
ATOM   358 O  OP2   . G   A 1 16 ? -4.684  -5.517  -3.869  1.00 21.84 ? 16  G   A OP2   1 
ATOM   359 O  "O5'" . G   A 1 16 ? -2.746  -6.915  -3.364  1.00 23.99 ? 16  G   A "O5'" 1 
ATOM   360 C  "C5'" . G   A 1 16 ? -1.743  -7.906  -3.672  1.00 27.26 ? 16  G   A "C5'" 1 
ATOM   361 C  "C4'" . G   A 1 16 ? -0.863  -8.153  -2.474  1.00 16.99 ? 16  G   A "C4'" 1 
ATOM   362 O  "O4'" . G   A 1 16 ? -0.199  -6.943  -2.095  1.00 19.74 ? 16  G   A "O4'" 1 
ATOM   363 C  "C3'" . G   A 1 16 ? -1.592  -8.587  -1.214  1.00 25.21 ? 16  G   A "C3'" 1 
ATOM   364 O  "O3'" . G   A 1 16 ? -1.914  -9.970  -1.297  1.00 21.43 ? 16  G   A "O3'" 1 
ATOM   365 C  "C2'" . G   A 1 16 ? -0.585  -8.245  -0.121  1.00 23.20 ? 16  G   A "C2'" 1 
ATOM   366 O  "O2'" . G   A 1 16 ? 0.489   -9.173  -0.055  1.00 22.16 ? 16  G   A "O2'" 1 
ATOM   367 C  "C1'" . G   A 1 16 ? 0.031   -6.953  -0.665  1.00 20.55 ? 16  G   A "C1'" 1 
ATOM   368 N  N9    . G   A 1 16 ? -0.604  -5.796  -0.028  1.00 24.03 ? 16  G   A N9    1 
ATOM   369 C  C8    . G   A 1 16 ? -1.604  -5.020  -0.567  1.00 15.79 ? 16  G   A C8    1 
ATOM   370 N  N7    . G   A 1 16 ? -1.993  -4.038  0.243   1.00 19.21 ? 16  G   A N7    1 
ATOM   371 C  C5    . G   A 1 16 ? -1.188  -4.168  1.366   1.00 15.45 ? 16  G   A C5    1 
ATOM   372 C  C6    . G   A 1 16 ? -1.147  -3.410  2.585   1.00 23.50 ? 16  G   A C6    1 
ATOM   373 O  O6    . G   A 1 16 ? -1.816  -2.404  2.909   1.00 21.51 ? 16  G   A O6    1 
ATOM   374 N  N1    . G   A 1 16 ? -0.211  -3.922  3.491   1.00 18.83 ? 16  G   A N1    1 
ATOM   375 C  C2    . G   A 1 16 ? 0.578   -5.021  3.262   1.00 19.37 ? 16  G   A C2    1 
ATOM   376 N  N2    . G   A 1 16 ? 1.427   -5.359  4.307   1.00 16.54 ? 16  G   A N2    1 
ATOM   377 N  N3    . G   A 1 16 ? 0.564   -5.734  2.151   1.00 17.99 ? 16  G   A N3    1 
ATOM   378 C  C4    . G   A 1 16 ? -0.340  -5.266  1.234   1.00 15.02 ? 16  G   A C4    1 
ATOM   379 P  P     . C   A 1 17 ? -3.030  -10.573 -0.343  1.00 28.56 ? 17  C   A P     1 
ATOM   380 O  OP1   . C   A 1 17 ? -3.230  -11.996 -0.753  1.00 28.94 ? 17  C   A OP1   1 
ATOM   381 O  OP2   . C   A 1 17 ? -4.131  -9.630  -0.271  1.00 29.93 ? 17  C   A OP2   1 
ATOM   382 O  "O5'" . C   A 1 17 ? -2.284  -10.566 1.065   1.00 26.45 ? 17  C   A "O5'" 1 
ATOM   383 C  "C5'" . C   A 1 17 ? -2.944  -10.398 2.264   1.00 26.23 ? 17  C   A "C5'" 1 
ATOM   384 C  "C4'" . C   A 1 17 ? -1.930  -9.956  3.285   1.00 22.75 ? 17  C   A "C4'" 1 
ATOM   385 O  "O4'" . C   A 1 17 ? -1.450  -8.617  2.950   1.00 25.45 ? 17  C   A "O4'" 1 
ATOM   386 C  "C3'" . C   A 1 17 ? -2.527  -9.845  4.686   1.00 21.02 ? 17  C   A "C3'" 1 
ATOM   387 O  "O3'" . C   A 1 17 ? -2.446  -11.110 5.369   1.00 16.89 ? 17  C   A "O3'" 1 
ATOM   388 C  "C2'" . C   A 1 17 ? -1.670  -8.785  5.327   1.00 15.79 ? 17  C   A "C2'" 1 
ATOM   389 O  "O2'" . C   A 1 17 ? -0.410  -9.249  5.741   1.00 24.27 ? 17  C   A "O2'" 1 
ATOM   390 C  "C1'" . C   A 1 17 ? -1.399  -7.842  4.142   1.00 20.16 ? 17  C   A "C1'" 1 
ATOM   391 N  N1    . C   A 1 17 ? -2.393  -6.743  4.042   1.00 18.78 ? 17  C   A N1    1 
ATOM   392 C  C2    . C   A 1 17 ? -2.331  -5.768  5.031   1.00 22.88 ? 17  C   A C2    1 
ATOM   393 O  O2    . C   A 1 17 ? -1.476  -5.875  5.945   1.00 17.48 ? 17  C   A O2    1 
ATOM   394 N  N3    . C   A 1 17 ? -3.160  -4.736  4.983   1.00 20.54 ? 17  C   A N3    1 
ATOM   395 C  C4    . C   A 1 17 ? -4.046  -4.619  3.995   1.00 16.30 ? 17  C   A C4    1 
ATOM   396 N  N4    . C   A 1 17 ? -4.821  -3.478  4.031   1.00 18.07 ? 17  C   A N4    1 
ATOM   397 C  C5    . C   A 1 17 ? -4.162  -5.601  2.951   1.00 18.61 ? 17  C   A C5    1 
ATOM   398 C  C6    . C   A 1 17 ? -3.325  -6.654  3.022   1.00 20.84 ? 17  C   A C6    1 
ATOM   399 P  P     . G   A 1 18 ? -3.548  -11.462 6.445   1.00 21.85 ? 18  G   A P     1 
ATOM   400 O  OP1   . G   A 1 18 ? -3.433  -12.940 6.848   1.00 23.36 ? 18  G   A OP1   1 
ATOM   401 O  OP2   . G   A 1 18 ? -4.872  -10.974 6.052   1.00 21.92 ? 18  G   A OP2   1 
ATOM   402 O  "O5'" . G   A 1 18 ? -3.089  -10.558 7.646   1.00 20.36 ? 18  G   A "O5'" 1 
ATOM   403 C  "C5'" . G   A 1 18 ? -1.794  -10.655 8.243   1.00 18.39 ? 18  G   A "C5'" 1 
ATOM   404 C  "C4'" . G   A 1 18 ? -1.851  -9.924  9.574   1.00 16.99 ? 18  G   A "C4'" 1 
ATOM   405 O  "O4'" . G   A 1 18 ? -2.156  -8.514  9.269   1.00 20.35 ? 18  G   A "O4'" 1 
ATOM   406 C  "C3'" . G   A 1 18 ? -3.032  -10.379 10.477  1.00 21.87 ? 18  G   A "C3'" 1 
ATOM   407 O  "O3'" . G   A 1 18 ? -2.673  -10.102 11.812  1.00 22.34 ? 18  G   A "O3'" 1 
ATOM   408 C  "C2'" . G   A 1 18 ? -4.131  -9.340  10.220  1.00 13.34 ? 18  G   A "C2'" 1 
ATOM   409 O  "O2'" . G   A 1 18 ? -5.123  -9.239  11.254  1.00 17.04 ? 18  G   A "O2'" 1 
ATOM   410 C  "C1'" . G   A 1 18 ? -3.295  -8.086  10.044  1.00 18.50 ? 18  G   A "C1'" 1 
ATOM   411 N  N9    . G   A 1 18 ? -4.058  -7.118  9.240   1.00 17.14 ? 18  G   A N9    1 
ATOM   412 C  C8    . G   A 1 18 ? -4.470  -7.345  7.940   1.00 23.87 ? 18  G   A C8    1 
ATOM   413 N  N7    . G   A 1 18 ? -5.190  -6.373  7.451   1.00 19.07 ? 18  G   A N7    1 
ATOM   414 C  C5    . G   A 1 18 ? -5.227  -5.429  8.462   1.00 16.33 ? 18  G   A C5    1 
ATOM   415 C  C6    . G   A 1 18 ? -5.850  -4.202  8.481   1.00 21.38 ? 18  G   A C6    1 
ATOM   416 O  O6    . G   A 1 18 ? -6.461  -3.663  7.563   1.00 19.33 ? 18  G   A O6    1 
ATOM   417 N  N1    . G   A 1 18 ? -5.706  -3.563  9.711   1.00 19.14 ? 18  G   A N1    1 
ATOM   418 C  C2    . G   A 1 18 ? -5.021  -4.075  10.789  1.00 18.26 ? 18  G   A C2    1 
ATOM   419 N  N2    . G   A 1 18 ? -4.968  -3.250  11.882  1.00 21.62 ? 18  G   A N2    1 
ATOM   420 N  N3    . G   A 1 18 ? -4.420  -5.248  10.780  1.00 21.36 ? 18  G   A N3    1 
ATOM   421 C  C4    . G   A 1 18 ? -4.550  -5.871  9.591   1.00 18.90 ? 18  G   A C4    1 
ATOM   422 P  P     . G   A 1 19 ? -2.171  -11.296 12.809  1.00 23.60 ? 19  G   A P     1 
ATOM   423 O  OP1   . G   A 1 19 ? -2.888  -12.575 12.525  1.00 25.11 ? 19  G   A OP1   1 
ATOM   424 O  OP2   . G   A 1 19 ? -2.256  -10.639 14.145  1.00 22.07 ? 19  G   A OP2   1 
ATOM   425 O  "O5'" . G   A 1 19 ? -0.648  -11.479 12.394  1.00 20.48 ? 19  G   A "O5'" 1 
ATOM   426 C  "C5'" . G   A 1 19 ? 0.406   -10.587 12.875  1.00 16.74 ? 19  G   A "C5'" 1 
ATOM   427 C  "C4'" . G   A 1 19 ? 1.648   -10.818 12.098  1.00 21.60 ? 19  G   A "C4'" 1 
ATOM   428 O  "O4'" . G   A 1 19 ? 2.608   -9.889  12.616  1.00 23.02 ? 19  G   A "O4'" 1 
ATOM   429 C  "C3'" . G   A 1 19 ? 2.236   -12.217 12.354  1.00 19.02 ? 19  G   A "C3'" 1 
ATOM   430 O  "O3'" . G   A 1 19 ? 3.113   -12.544 11.278  1.00 19.83 ? 19  G   A "O3'" 1 
ATOM   431 C  "C2'" . G   A 1 19 ? 3.060   -11.969 13.613  1.00 19.43 ? 19  G   A "C2'" 1 
ATOM   432 O  "O2'" . G   A 1 19 ? 4.142   -12.862 13.677  1.00 30.99 ? 19  G   A "O2'" 1 
ATOM   433 C  "C1'" . G   A 1 19 ? 3.569   -10.563 13.385  1.00 23.19 ? 19  G   A "C1'" 1 
ATOM   434 N  N9    . G   A 1 19 ? 3.712   -9.840  14.639  1.00 20.07 ? 19  G   A N9    1 
ATOM   435 C  C8    . G   A 1 19 ? 3.144   -8.641  14.996  1.00 25.80 ? 19  G   A C8    1 
ATOM   436 N  N7    . G   A 1 19 ? 3.545   -8.218  16.167  1.00 29.30 ? 19  G   A N7    1 
ATOM   437 C  C5    . G   A 1 19 ? 4.378   -9.227  16.630  1.00 23.21 ? 19  G   A C5    1 
ATOM   438 C  C6    . G   A 1 19 ? 5.113   -9.329  17.839  1.00 29.61 ? 19  G   A C6    1 
ATOM   439 O  O6    . G   A 1 19 ? 5.140   -8.528  18.790  1.00 33.91 ? 19  G   A O6    1 
ATOM   440 N  N1    . G   A 1 19 ? 5.867   -10.516 17.879  1.00 23.33 ? 19  G   A N1    1 
ATOM   441 C  C2    . G   A 1 19 ? 5.886   -11.461 16.889  1.00 28.25 ? 19  G   A C2    1 
ATOM   442 N  N2    . G   A 1 19 ? 6.616   -12.547 17.125  1.00 24.84 ? 19  G   A N2    1 
ATOM   443 N  N3    . G   A 1 19 ? 5.207   -11.344 15.734  1.00 24.79 ? 19  G   A N3    1 
ATOM   444 C  C4    . G   A 1 19 ? 4.497   -10.228 15.689  1.00 26.14 ? 19  G   A C4    1 
ATOM   445 P  P     . A   A 1 20 ? 2.484   -13.101 9.905   1.00 24.92 ? 20  A   A P     1 
ATOM   446 O  OP1   . A   A 1 20 ? 1.355   -13.928 10.248  1.00 23.58 ? 20  A   A OP1   1 
ATOM   447 O  OP2   . A   A 1 20 ? 3.526   -13.601 8.943   1.00 29.88 ? 20  A   A OP2   1 
ATOM   448 O  "O5'" . A   A 1 20 ? 1.885   -11.807 9.125   1.00 20.16 ? 20  A   A "O5'" 1 
ATOM   449 C  "C5'" . A   A 1 20 ? 2.744   -10.824 8.614   1.00 19.23 ? 20  A   A "C5'" 1 
ATOM   450 C  "C4'" . A   A 1 20 ? 1.927   -9.626  8.174   1.00 15.94 ? 20  A   A "C4'" 1 
ATOM   451 O  "O4'" . A   A 1 20 ? 1.268   -9.056  9.306   1.00 19.70 ? 20  A   A "O4'" 1 
ATOM   452 C  "C3'" . A   A 1 20 ? 2.749   -8.481  7.632   1.00 20.72 ? 20  A   A "C3'" 1 
ATOM   453 O  "O3'" . A   A 1 20 ? 2.909   -8.851  6.272   1.00 19.02 ? 20  A   A "O3'" 1 
ATOM   454 C  "C2'" . A   A 1 20 ? 1.821   -7.260  7.832   1.00 19.29 ? 20  A   A "C2'" 1 
ATOM   455 O  "O2'" . A   A 1 20 ? 0.827   -7.251  6.782   1.00 21.14 ? 20  A   A "O2'" 1 
ATOM   456 C  "C1'" . A   A 1 20 ? 1.112   -7.657  9.133   1.00 19.17 ? 20  A   A "C1'" 1 
ATOM   457 N  N9    . A   A 1 20 ? 1.580   -6.984  10.354  1.00 20.12 ? 20  A   A N9    1 
ATOM   458 C  C8    . A   A 1 20 ? 2.767   -7.123  11.011  1.00 21.27 ? 20  A   A C8    1 
ATOM   459 N  N7    . A   A 1 20 ? 2.908   -6.317  12.026  1.00 23.36 ? 20  A   A N7    1 
ATOM   460 C  C5    . A   A 1 20 ? 1.727   -5.599  12.055  1.00 19.94 ? 20  A   A C5    1 
ATOM   461 C  C6    . A   A 1 20 ? 1.309   -4.541  12.850  1.00 24.22 ? 20  A   A C6    1 
ATOM   462 N  N6    . A   A 1 20 ? 2.074   -3.961  13.783  1.00 24.79 ? 20  A   A N6    1 
ATOM   463 N  N1    . A   A 1 20 ? 0.071   -4.036  12.624  1.00 18.27 ? 20  A   A N1    1 
ATOM   464 C  C2    . A   A 1 20 ? -0.654  -4.554  11.623  1.00 18.78 ? 20  A   A C2    1 
ATOM   465 N  N3    . A   A 1 20 ? -0.330  -5.535  10.751  1.00 22.84 ? 20  A   A N3    1 
ATOM   466 C  C4    . A   A 1 20 ? 0.887   -6.013  11.046  1.00 22.18 ? 20  A   A C4    1 
ATOM   467 P  P     . A   A 1 21 ? 4.044   -8.195  5.391   1.00 22.10 ? 21  A   A P     1 
ATOM   468 O  OP1   . A   A 1 21 ? 5.032   -7.501  6.129   1.00 21.98 ? 21  A   A OP1   1 
ATOM   469 O  OP2   . A   A 1 21 ? 3.353   -7.509  4.197   1.00 20.72 ? 21  A   A OP2   1 
ATOM   470 O  "O5'" . A   A 1 21 ? 4.738   -9.481  4.781   1.00 23.80 ? 21  A   A "O5'" 1 
ATOM   471 C  "C5'" . A   A 1 21 ? 5.635   -10.248 5.609   1.00 33.42 ? 21  A   A "C5'" 1 
ATOM   472 C  "C4'" . A   A 1 21 ? 5.884   -11.571 4.958   1.00 25.32 ? 21  A   A "C4'" 1 
ATOM   473 O  "O4'" . A   A 1 21 ? 4.603   -12.206 4.786   1.00 29.61 ? 21  A   A "O4'" 1 
ATOM   474 C  "C3'" . A   A 1 21 ? 6.425   -11.475 3.545   1.00 39.77 ? 21  A   A "C3'" 1 
ATOM   475 O  "O3'" . A   A 1 21 ? 7.830   -11.369 3.599   1.00 35.14 ? 21  A   A "O3'" 1 
ATOM   476 C  "C2'" . A   A 1 21 ? 5.964   -12.778 2.938   1.00 33.36 ? 21  A   A "C2'" 1 
ATOM   477 O  "O2'" . A   A 1 21 ? 6.767   -13.840 3.421   1.00 37.06 ? 21  A   A "O2'" 1 
ATOM   478 C  "C1'" . A   A 1 21 ? 4.601   -12.940 3.586   1.00 27.49 ? 21  A   A "C1'" 1 
ATOM   479 N  N9    . A   A 1 21 ? 3.615   -12.380 2.706   1.00 22.94 ? 21  A   A N9    1 
ATOM   480 C  C8    . A   A 1 21 ? 2.930   -11.184 2.763   1.00 30.39 ? 21  A   A C8    1 
ATOM   481 N  N7    . A   A 1 21 ? 2.119   -11.010 1.758   1.00 24.55 ? 21  A   A N7    1 
ATOM   482 C  C5    . A   A 1 21 ? 2.269   -12.175 1.000   1.00 30.99 ? 21  A   A C5    1 
ATOM   483 C  C6    . A   A 1 21 ? 1.653   -12.636 -0.164  1.00 37.62 ? 21  A   A C6    1 
ATOM   484 N  N6    . A   A 1 21 ? 0.699   -11.973 -0.779  1.00 31.63 ? 21  A   A N6    1 
ATOM   485 N  N1    . A   A 1 21 ? 2.051   -13.830 -0.671  1.00 42.70 ? 21  A   A N1    1 
ATOM   486 C  C2    . A   A 1 21 ? 3.003   -14.506 -0.023  1.00 25.37 ? 21  A   A C2    1 
ATOM   487 N  N3    . A   A 1 21 ? 3.643   -14.187 1.086   1.00 32.15 ? 21  A   A N3    1 
ATOM   488 C  C4    . A   A 1 21 ? 3.214   -13.000 1.561   1.00 26.81 ? 21  A   A C4    1 
ATOM   489 P  P     . C   A 1 22 ? 8.624   -10.602 2.440   1.00 38.47 ? 22  C   A P     1 
ATOM   490 O  OP1   . C   A 1 22 ? 10.031  -10.494 3.007   1.00 39.59 ? 22  C   A OP1   1 
ATOM   491 O  OP2   . C   A 1 22 ? 7.855   -9.334  2.102   1.00 45.19 ? 22  C   A OP2   1 
ATOM   492 O  "O5'" . C   A 1 22 ? 8.494   -11.498 1.148   1.00 37.76 ? 22  C   A "O5'" 1 
ATOM   493 C  "C5'" . C   A 1 22 ? 8.852   -12.884 1.202   1.00 47.58 ? 22  C   A "C5'" 1 
ATOM   494 C  "C4'" . C   A 1 22 ? 8.510   -13.571 -0.089  1.00 33.33 ? 22  C   A "C4'" 1 
ATOM   495 O  "O4'" . C   A 1 22 ? 7.115   -13.911 -0.146  1.00 33.02 ? 22  C   A "O4'" 1 
ATOM   496 C  "C3'" . C   A 1 22 ? 8.772   -12.803 -1.375  1.00 38.81 ? 22  C   A "C3'" 1 
ATOM   497 O  "O3'" . C   A 1 22 ? 10.097  -12.895 -1.809  1.00 44.09 ? 22  C   A "O3'" 1 
ATOM   498 C  "C2'" . C   A 1 22 ? 7.887   -13.524 -2.371  1.00 37.72 ? 22  C   A "C2'" 1 
ATOM   499 O  "O2'" . C   A 1 22 ? 8.518   -14.694 -2.832  1.00 39.06 ? 22  C   A "O2'" 1 
ATOM   500 C  "C1'" . C   A 1 22 ? 6.676   -13.865 -1.502  1.00 39.25 ? 22  C   A "C1'" 1 
ATOM   501 N  N1    . C   A 1 22 ? 5.701   -12.767 -1.636  1.00 32.36 ? 22  C   A N1    1 
ATOM   502 C  C2    . C   A 1 22 ? 4.748   -12.852 -2.653  1.00 37.36 ? 22  C   A C2    1 
ATOM   503 O  O2    . C   A 1 22 ? 4.771   -13.841 -3.402  1.00 39.90 ? 22  C   A O2    1 
ATOM   504 N  N3    . C   A 1 22 ? 3.832   -11.853 -2.802  1.00 37.73 ? 22  C   A N3    1 
ATOM   505 C  C4    . C   A 1 22 ? 3.860   -10.807 -1.977  1.00 31.19 ? 22  C   A C4    1 
ATOM   506 N  N4    . C   A 1 22 ? 2.937   -9.850  -2.166  1.00 32.54 ? 22  C   A N4    1 
ATOM   507 C  C5    . C   A 1 22 ? 4.830   -10.686 -0.930  1.00 35.28 ? 22  C   A C5    1 
ATOM   508 C  C6    . C   A 1 22 ? 5.731   -11.686 -0.793  1.00 36.31 ? 22  C   A C6    1 
ATOM   509 P  P     . A   A 1 23 ? 10.687  -11.746 -2.758  1.00 44.13 ? 23  A   A P     1 
ATOM   510 O  OP1   . A   A 1 23 ? 12.034  -12.237 -3.202  1.00 49.92 ? 23  A   A OP1   1 
ATOM   511 O  OP2   . A   A 1 23 ? 10.582  -10.449 -2.013  1.00 41.53 ? 23  A   A OP2   1 
ATOM   512 O  "O5'" . A   A 1 23 ? 9.721   -11.800 -4.015  1.00 48.75 ? 23  A   A "O5'" 1 
ATOM   513 C  "C5'" . A   A 1 23 ? 9.382   -10.608 -4.735  1.00 35.23 ? 23  A   A "C5'" 1 
ATOM   514 C  "C4'" . A   A 1 23 ? 8.246   -10.893 -5.669  1.00 36.70 ? 23  A   A "C4'" 1 
ATOM   515 O  "O4'" . A   A 1 23 ? 7.017   -11.062 -4.915  1.00 32.47 ? 23  A   A "O4'" 1 
ATOM   516 C  "C3'" . A   A 1 23 ? 7.965   -9.752  -6.617  1.00 35.25 ? 23  A   A "C3'" 1 
ATOM   517 O  "O3'" . A   A 1 23 ? 8.807   -9.824  -7.754  1.00 30.89 ? 23  A   A "O3'" 1 
ATOM   518 C  "C2'" . A   A 1 23 ? 6.504   -9.953  -6.951  1.00 33.30 ? 23  A   A "C2'" 1 
ATOM   519 O  "O2'" . A   A 1 23 ? 6.315   -10.943 -7.936  1.00 36.04 ? 23  A   A "O2'" 1 
ATOM   520 C  "C1'" . A   A 1 23 ? 5.945   -10.424 -5.606  1.00 37.00 ? 23  A   A "C1'" 1 
ATOM   521 N  N9    . A   A 1 23 ? 5.519   -9.281  -4.796  1.00 21.73 ? 23  A   A N9    1 
ATOM   522 C  C8    . A   A 1 23 ? 6.144   -8.781  -3.679  1.00 23.41 ? 23  A   A C8    1 
ATOM   523 N  N7    . A   A 1 23 ? 5.523   -7.741  -3.139  1.00 27.92 ? 23  A   A N7    1 
ATOM   524 C  C5    . A   A 1 23 ? 4.413   -7.562  -3.950  1.00 22.43 ? 23  A   A C5    1 
ATOM   525 C  C6    . A   A 1 23 ? 3.350   -6.615  -3.897  1.00 24.54 ? 23  A   A C6    1 
ATOM   526 N  N6    . A   A 1 23 ? 3.208   -5.718  -2.896  1.00 28.75 ? 23  A   A N6    1 
ATOM   527 N  N1    . A   A 1 23 ? 2.428   -6.653  -4.877  1.00 23.72 ? 23  A   A N1    1 
ATOM   528 C  C2    . A   A 1 23 ? 2.531   -7.622  -5.816  1.00 30.96 ? 23  A   A C2    1 
ATOM   529 N  N3    . A   A 1 23 ? 3.466   -8.576  -5.955  1.00 22.89 ? 23  A   A N3    1 
ATOM   530 C  C4    . A   A 1 23 ? 4.398   -8.483  -4.987  1.00 22.01 ? 23  A   A C4    1 
ATOM   531 P  P     . A   A 1 24 ? 9.361   -8.481  -8.406  1.00 38.94 ? 24  A   A P     1 
ATOM   532 O  OP1   . A   A 1 24 ? 10.283  -8.913  -9.541  1.00 40.27 ? 24  A   A OP1   1 
ATOM   533 O  OP2   . A   A 1 24 ? 9.889   -7.622  -7.289  1.00 34.38 ? 24  A   A OP2   1 
ATOM   534 O  "O5'" . A   A 1 24 ? 8.042   -7.831  -9.051  1.00 29.23 ? 24  A   A "O5'" 1 
ATOM   535 C  "C5'" . A   A 1 24 ? 7.325   -8.448  -10.149 1.00 35.13 ? 24  A   A "C5'" 1 
ATOM   536 C  "C4'" . A   A 1 24 ? 5.969   -7.795  -10.323 1.00 38.25 ? 24  A   A "C4'" 1 
ATOM   537 O  "O4'" . A   A 1 24 ? 5.269   -7.849  -9.042  1.00 29.63 ? 24  A   A "O4'" 1 
ATOM   538 C  "C3'" . A   A 1 24 ? 6.016   -6.307  -10.641 1.00 42.63 ? 24  A   A "C3'" 1 
ATOM   539 O  "O3'" . A   A 1 24 ? 6.164   -6.061  -12.016 1.00 49.63 ? 24  A   A "O3'" 1 
ATOM   540 C  "C2'" . A   A 1 24 ? 4.685   -5.795  -10.116 1.00 32.84 ? 24  A   A "C2'" 1 
ATOM   541 O  "O2'" . A   A 1 24 ? 3.606   -6.000  -11.033 1.00 33.08 ? 24  A   A "O2'" 1 
ATOM   542 C  "C1'" . A   A 1 24 ? 4.528   -6.633  -8.847  1.00 30.38 ? 24  A   A "C1'" 1 
ATOM   543 N  N9    . A   A 1 24 ? 5.091   -5.945  -7.679  1.00 24.70 ? 24  A   A N9    1 
ATOM   544 C  C8    . A   A 1 24 ? 6.286   -6.160  -7.008  1.00 25.95 ? 24  A   A C8    1 
ATOM   545 N  N7    . A   A 1 24 ? 6.443   -5.380  -5.941  1.00 23.59 ? 24  A   A N7    1 
ATOM   546 C  C5    . A   A 1 24 ? 5.256   -4.615  -5.920  1.00 28.05 ? 24  A   A C5    1 
ATOM   547 C  C6    . A   A 1 24 ? 4.780   -3.662  -5.041  1.00 28.72 ? 24  A   A C6    1 
ATOM   548 N  N6    . A   A 1 24 ? 5.444   -3.310  -3.935  1.00 24.48 ? 24  A   A N6    1 
ATOM   549 N  N1    . A   A 1 24 ? 3.569   -3.076  -5.310  1.00 22.17 ? 24  A   A N1    1 
ATOM   550 C  C2    . A   A 1 24 ? 2.908   -3.443  -6.404  1.00 23.27 ? 24  A   A C2    1 
ATOM   551 N  N3    . A   A 1 24 ? 3.269   -4.332  -7.326  1.00 23.39 ? 24  A   A N3    1 
ATOM   552 C  C4    . A   A 1 24 ? 4.457   -4.905  -7.004  1.00 24.14 ? 24  A   A C4    1 
ATOM   553 P  P     . A   A 1 25 ? 7.326   -5.066  -12.505 1.00 44.82 ? 25  A   A P     1 
ATOM   554 O  OP1   . A   A 1 25 ? 7.342   -5.202  -13.990 1.00 49.92 ? 25  A   A OP1   1 
ATOM   555 O  OP2   . A   A 1 25 ? 8.552   -5.291  -11.703 1.00 49.92 ? 25  A   A OP2   1 
ATOM   556 O  "O5'" . A   A 1 25 ? 6.813   -3.606  -12.173 1.00 47.06 ? 25  A   A "O5'" 1 
ATOM   557 C  "C5'" . A   A 1 25 ? 6.281   -2.764  -13.202 1.00 30.73 ? 25  A   A "C5'" 1 
ATOM   558 C  "C4'" . A   A 1 25 ? 4.783   -2.932  -13.318 1.00 29.00 ? 25  A   A "C4'" 1 
ATOM   559 O  "O4'" . A   A 1 25 ? 4.179   -3.449  -12.092 1.00 28.72 ? 25  A   A "O4'" 1 
ATOM   560 C  "C3'" . A   A 1 25 ? 4.071   -1.610  -13.548 1.00 27.91 ? 25  A   A "C3'" 1 
ATOM   561 O  "O3'" . A   A 1 25 ? 4.085   -1.288  -14.902 1.00 34.86 ? 25  A   A "O3'" 1 
ATOM   562 C  "C2'" . A   A 1 25 ? 2.669   -1.881  -13.035 1.00 23.70 ? 25  A   A "C2'" 1 
ATOM   563 O  "O2'" . A   A 1 25 ? 1.867   -2.575  -13.972 1.00 25.95 ? 25  A   A "O2'" 1 
ATOM   564 C  "C1'" . A   A 1 25 ? 2.943   -2.794  -11.847 1.00 30.86 ? 25  A   A "C1'" 1 
ATOM   565 N  N9    . A   A 1 25 ? 3.060   -2.026  -10.600 1.00 25.09 ? 25  A   A N9    1 
ATOM   566 C  C8    . A   A 1 25 ? 4.178   -1.663  -9.935  1.00 22.75 ? 25  A   A C8    1 
ATOM   567 N  N7    . A   A 1 25 ? 3.952   -0.983  -8.817  1.00 22.89 ? 25  A   A N7    1 
ATOM   568 C  C5    . A   A 1 25 ? 2.577   -0.938  -8.740  1.00 16.14 ? 25  A   A C5    1 
ATOM   569 C  C6    . A   A 1 25 ? 1.707   -0.414  -7.802  1.00 22.37 ? 25  A   A C6    1 
ATOM   570 N  N6    . A   A 1 25 ? 2.109   0.196   -6.678  1.00 21.75 ? 25  A   A N6    1 
ATOM   571 N  N1    . A   A 1 25 ? 0.389   -0.533  -8.039  1.00 22.49 ? 25  A   A N1    1 
ATOM   572 C  C2    . A   A 1 25 ? -0.017  -1.111  -9.184  1.00 20.92 ? 25  A   A C2    1 
ATOM   573 N  N3    . A   A 1 25 ? 0.692   -1.640  -10.133 1.00 23.62 ? 25  A   A N3    1 
ATOM   574 C  C4    . A   A 1 25 ? 2.003   -1.540  -9.856  1.00 17.16 ? 25  A   A C4    1 
ATOM   575 P  P     . C   A 1 26 ? 4.149   0.242   -15.327 1.00 33.35 ? 26  C   A P     1 
ATOM   576 O  OP1   . C   A 1 26 ? 4.001   0.295   -16.799 1.00 43.05 ? 26  C   A OP1   1 
ATOM   577 O  OP2   . C   A 1 26 ? 5.344   0.830   -14.671 1.00 34.53 ? 26  C   A OP2   1 
ATOM   578 O  "O5'" . C   A 1 26 ? 2.785   0.868   -14.791 1.00 31.43 ? 26  C   A "O5'" 1 
ATOM   579 C  "C5'" . C   A 1 26 ? 1.548   0.568   -15.470 1.00 26.11 ? 26  C   A "C5'" 1 
ATOM   580 C  "C4'" . C   A 1 26 ? 0.391   1.177   -14.725 1.00 39.36 ? 26  C   A "C4'" 1 
ATOM   581 O  "O4'" . C   A 1 26 ? 0.357   0.645   -13.380 1.00 30.60 ? 26  C   A "O4'" 1 
ATOM   582 C  "C3'" . C   A 1 26 ? 0.472   2.687   -14.508 1.00 32.18 ? 26  C   A "C3'" 1 
ATOM   583 O  "O3'" . C   A 1 26 ? 0.022   3.418   -15.619 1.00 36.27 ? 26  C   A "O3'" 1 
ATOM   584 C  "C2'" . C   A 1 26 ? -0.455  2.880   -13.334 1.00 32.29 ? 26  C   A "C2'" 1 
ATOM   585 O  "O2'" . C   A 1 26 ? -1.801  2.863   -13.758 1.00 29.42 ? 26  C   A "O2'" 1 
ATOM   586 C  "C1'" . C   A 1 26 ? -0.147  1.631   -12.493 1.00 32.07 ? 26  C   A "C1'" 1 
ATOM   587 N  N1    . C   A 1 26 ? 0.883   1.927   -11.477 1.00 24.87 ? 26  C   A N1    1 
ATOM   588 C  C2    . C   A 1 26 ? 0.466   2.481   -10.272 1.00 24.38 ? 26  C   A C2    1 
ATOM   589 O  O2    . C   A 1 26 ? -0.747  2.751   -10.134 1.00 25.93 ? 26  C   A O2    1 
ATOM   590 N  N3    . C   A 1 26 ? 1.371   2.712   -9.304  1.00 23.71 ? 26  C   A N3    1 
ATOM   591 C  C4    . C   A 1 26 ? 2.662   2.435   -9.519  1.00 20.85 ? 26  C   A C4    1 
ATOM   592 N  N4    . C   A 1 26 ? 3.537   2.650   -8.508  1.00 20.81 ? 26  C   A N4    1 
ATOM   593 C  C5    . C   A 1 26 ? 3.120   1.905   -10.760 1.00 27.62 ? 26  C   A C5    1 
ATOM   594 C  C6    . C   A 1 26 ? 2.200   1.656   -11.698 1.00 24.04 ? 26  C   A C6    1 
ATOM   595 P  P     . G   A 1 27 ? 0.783   4.772   -16.016 1.00 35.57 ? 27  G   A P     1 
ATOM   596 O  OP1   . G   A 1 27 ? 0.361   4.970   -17.434 1.00 36.35 ? 27  G   A OP1   1 
ATOM   597 O  OP2   . G   A 1 27 ? 2.227   4.640   -15.680 1.00 28.64 ? 27  G   A OP2   1 
ATOM   598 O  "O5'" . G   A 1 27 ? 0.143   5.872   -15.069 1.00 26.20 ? 27  G   A "O5'" 1 
ATOM   599 C  "C5'" . G   A 1 27 ? -1.247  6.050   -15.048 1.00 32.65 ? 27  G   A "C5'" 1 
ATOM   600 C  "C4'" . G   A 1 27 ? -1.640  6.955   -13.920 1.00 29.80 ? 27  G   A "C4'" 1 
ATOM   601 O  "O4'" . G   A 1 27 ? -1.453  6.265   -12.661 1.00 31.12 ? 27  G   A "O4'" 1 
ATOM   602 C  "C3'" . G   A 1 27 ? -0.881  8.263   -13.746 1.00 25.64 ? 27  G   A "C3'" 1 
ATOM   603 O  "O3'" . G   A 1 27 ? -1.324  9.301   -14.657 1.00 31.29 ? 27  G   A "O3'" 1 
ATOM   604 C  "C2'" . G   A 1 27 ? -1.202  8.621   -12.298 1.00 24.69 ? 27  G   A "C2'" 1 
ATOM   605 O  "O2'" . G   A 1 27 ? -2.486  9.209   -12.154 1.00 28.66 ? 27  G   A "O2'" 1 
ATOM   606 C  "C1'" . G   A 1 27 ? -1.206  7.229   -11.630 1.00 31.32 ? 27  G   A "C1'" 1 
ATOM   607 N  N9    . G   A 1 27 ? 0.077   6.895   -11.016 1.00 21.05 ? 27  G   A N9    1 
ATOM   608 C  C8    . G   A 1 27 ? 1.052   6.074   -11.559 1.00 23.48 ? 27  G   A C8    1 
ATOM   609 N  N7    . G   A 1 27 ? 2.034   5.825   -10.730 1.00 25.66 ? 27  G   A N7    1 
ATOM   610 C  C5    . G   A 1 27 ? 1.721   6.566   -9.595  1.00 22.73 ? 27  G   A C5    1 
ATOM   611 C  C6    . G   A 1 27 ? 2.393   6.663   -8.369  1.00 23.46 ? 27  G   A C6    1 
ATOM   612 O  O6    . G   A 1 27 ? 3.465   6.080   -8.017  1.00 26.36 ? 27  G   A O6    1 
ATOM   613 N  N1    . G   A 1 27 ? 1.724   7.517   -7.469  1.00 20.51 ? 27  G   A N1    1 
ATOM   614 C  C2    . G   A 1 27 ? 0.547   8.177   -7.736  1.00 19.09 ? 27  G   A C2    1 
ATOM   615 N  N2    . G   A 1 27 ? 0.054   8.943   -6.740  1.00 20.02 ? 27  G   A N2    1 
ATOM   616 N  N3    . G   A 1 27 ? -0.111  8.071   -8.902  1.00 21.75 ? 27  G   A N3    1 
ATOM   617 C  C4    . G   A 1 27 ? 0.528   7.258   -9.773  1.00 18.21 ? 27  G   A C4    1 
ATOM   618 P  P     . G   A 1 28 ? -0.345  10.519  -14.973 1.00 28.18 ? 28  G   A P     1 
ATOM   619 O  OP1   . G   A 1 28 ? -1.097  11.399  -15.957 1.00 34.05 ? 28  G   A OP1   1 
ATOM   620 O  OP2   . G   A 1 28 ? 0.958   10.010  -15.300 1.00 26.80 ? 28  G   A OP2   1 
ATOM   621 O  "O5'" . G   A 1 28 ? -0.288  11.253  -13.575 1.00 23.32 ? 28  G   A "O5'" 1 
ATOM   622 C  "C5'" . G   A 1 28 ? 0.859   11.956  -13.107 1.00 18.62 ? 28  G   A "C5'" 1 
ATOM   623 C  "C4'" . G   A 1 28 ? 0.678   12.172  -11.609 1.00 24.23 ? 28  G   A "C4'" 1 
ATOM   624 O  "O4'" . G   A 1 28 ? 0.747   10.864  -10.938 1.00 23.66 ? 28  G   A "O4'" 1 
ATOM   625 C  "C3'" . G   A 1 28 ? 1.714   13.010  -10.872 1.00 22.77 ? 28  G   A "C3'" 1 
ATOM   626 O  "O3'" . G   A 1 28 ? 1.554   14.459  -11.113 1.00 23.56 ? 28  G   A "O3'" 1 
ATOM   627 C  "C2'" . G   A 1 28 ? 1.559   12.543  -9.440  1.00 19.41 ? 28  G   A "C2'" 1 
ATOM   628 O  "O2'" . G   A 1 28 ? 0.349   13.042  -8.891  1.00 20.20 ? 28  G   A "O2'" 1 
ATOM   629 C  "C1'" . G   A 1 28 ? 1.323   11.039  -9.644  1.00 19.93 ? 28  G   A "C1'" 1 
ATOM   630 N  N9    . G   A 1 28 ? 2.576   10.295  -9.618  1.00 20.87 ? 28  G   A N9    1 
ATOM   631 C  C8    . G   A 1 28 ? 3.063   9.506   -10.636 1.00 21.96 ? 28  G   A C8    1 
ATOM   632 N  N7    . G   A 1 28 ? 4.148   8.875   -10.302 1.00 20.71 ? 28  G   A N7    1 
ATOM   633 C  C5    . G   A 1 28 ? 4.417   9.303   -9.014  1.00 19.42 ? 28  G   A C5    1 
ATOM   634 C  C6    . G   A 1 28 ? 5.470   8.951   -8.151  1.00 26.88 ? 28  G   A C6    1 
ATOM   635 O  O6    . G   A 1 28 ? 6.364   8.152   -8.353  1.00 18.89 ? 28  G   A O6    1 
ATOM   636 N  N1    . G   A 1 28 ? 5.381   9.611   -6.928  1.00 17.68 ? 28  G   A N1    1 
ATOM   637 C  C2    . G   A 1 28 ? 4.389   10.493  -6.593  1.00 19.49 ? 28  G   A C2    1 
ATOM   638 N  N2    . G   A 1 28 ? 4.480   10.974  -5.400  1.00 18.11 ? 28  G   A N2    1 
ATOM   639 N  N3    . G   A 1 28 ? 3.413   10.836  -7.384  1.00 22.30 ? 28  G   A N3    1 
ATOM   640 C  C4    . G   A 1 28 ? 3.475   10.197  -8.581  1.00 16.01 ? 28  G   A C4    1 
HETATM 641 MG MG    . MG  B 2 .  ? -12.220 8.711   4.670   1.00 35.81 ? 100 MG  A MG    1 
HETATM 642 NA NA    . NA  C 3 .  ? 1.968   -8.123  2.086   1.00 22.86 ? 101 NA  A NA    1 
HETATM 643 O  O     . HOH D 4 .  ? 6.850   5.472   -1.624  1.00 18.67 ? 102 HOH A O     1 
HETATM 644 O  O     . HOH D 4 .  ? -6.358  -2.616  1.597   1.00 27.25 ? 103 HOH A O     1 
HETATM 645 O  O     . HOH D 4 .  ? 3.169   5.439   0.344   1.00 23.31 ? 104 HOH A O     1 
HETATM 646 O  O     . HOH D 4 .  ? 6.697   4.545   -4.204  1.00 21.97 ? 105 HOH A O     1 
HETATM 647 O  O     . HOH D 4 .  ? -5.325  -0.313  14.820  1.00 22.76 ? 106 HOH A O     1 
HETATM 648 O  O     . HOH D 4 .  ? -3.519  -0.370  2.818   1.00 25.29 ? 107 HOH A O     1 
HETATM 649 O  O     . HOH D 4 .  ? -4.955  -10.051 15.754  1.00 36.28 ? 108 HOH A O     1 
HETATM 650 O  O     . HOH D 4 .  ? 4.535   4.933   -11.943 1.00 30.41 ? 109 HOH A O     1 
HETATM 651 O  O     . HOH D 4 .  ? 6.173   3.803   1.700   1.00 27.15 ? 110 HOH A O     1 
HETATM 652 O  O     . HOH D 4 .  ? -5.265  -3.082  -2.501  1.00 26.71 ? 111 HOH A O     1 
HETATM 653 O  O     . HOH D 4 .  ? 5.946   5.588   -9.296  1.00 23.96 ? 112 HOH A O     1 
HETATM 654 O  O     . HOH D 4 .  ? 7.911   2.028   0.174   1.00 24.38 ? 113 HOH A O     1 
HETATM 655 O  O     . HOH D 4 .  ? -11.884 1.595   5.062   1.00 26.43 ? 114 HOH A O     1 
HETATM 656 O  O     . HOH D 4 .  ? -9.220  1.056   15.304  1.00 24.90 ? 115 HOH A O     1 
HETATM 657 O  O     . HOH D 4 .  ? 3.099   1.722   7.589   1.00 32.81 ? 116 HOH A O     1 
HETATM 658 O  O     . HOH D 4 .  ? 5.262   1.841   3.450   0.50 30.52 ? 117 HOH A O     1 
HETATM 659 O  O     . HOH D 4 .  ? 6.348   13.020  -1.946  0.5  32.64 ? 118 HOH A O     1 
HETATM 660 O  O     . HOH D 4 .  ? -11.286 7.175   -9.075  1.00 25.50 ? 119 HOH A O     1 
HETATM 661 O  O     . HOH D 4 .  ? 4.613   3.723   -14.072 1.00 39.33 ? 120 HOH A O     1 
HETATM 662 O  O     . HOH D 4 .  ? -0.718  15.806  -10.730 1.00 29.04 ? 121 HOH A O     1 
HETATM 663 O  O     . HOH D 4 .  ? -11.181 -0.655  5.556   0.5  23.18 ? 122 HOH A O     1 
HETATM 664 O  O     . HOH D 4 .  ? 5.883   7.488   -12.553 1.00 35.15 ? 123 HOH A O     1 
HETATM 665 O  O     . HOH D 4 .  ? -6.383  -0.379  4.776   1.00 36.58 ? 124 HOH A O     1 
HETATM 666 O  O     . HOH D 4 .  ? -0.733  2.789   7.957   0.50 45.71 ? 125 HOH A O     1 
HETATM 667 O  O     . HOH D 4 .  ? 0.614   -10.413 -4.592  1.00 35.88 ? 126 HOH A O     1 
HETATM 668 O  O     . HOH D 4 .  ? 15.073  11.383  -5.963  1.00 41.73 ? 127 HOH A O     1 
HETATM 669 O  O     . HOH D 4 .  ? 0.807   2.025   3.413   1.00 28.67 ? 128 HOH A O     1 
HETATM 670 O  O     . HOH D 4 .  ? -4.274  -2.392  -0.001  1.00 21.92 ? 129 HOH A O     1 
HETATM 671 O  O     . HOH D 4 .  ? 5.220   -6.298  2.382   1.00 32.96 ? 130 HOH A O     1 
HETATM 672 O  O     . HOH D 4 .  ? -9.928  7.854   12.991  1.00 40.96 ? 131 HOH A O     1 
HETATM 673 O  O     . HOH D 4 .  ? 3.261   3.788   2.659   1.00 31.61 ? 132 HOH A O     1 
HETATM 674 O  O     . HOH D 4 .  ? -3.838  5.804   -10.236 1.00 37.43 ? 134 HOH A O     1 
HETATM 675 O  O     . HOH D 4 .  ? -16.167 8.787   -1.390  1.00 31.42 ? 135 HOH A O     1 
HETATM 676 O  O     . HOH D 4 .  ? 5.454   -6.274  8.337   1.00 23.29 ? 136 HOH A O     1 
HETATM 677 O  O     . HOH D 4 .  ? -8.250  7.117   6.029   1.00 34.65 ? 137 HOH A O     1 
HETATM 678 O  O     . HOH D 4 .  ? 5.130   -14.139 -6.247  1.00 39.67 ? 138 HOH A O     1 
HETATM 679 O  O     . HOH D 4 .  ? -16.113 1.740   7.945   1.00 29.42 ? 139 HOH A O     1 
HETATM 680 O  O     . HOH D 4 .  ? -5.083  -7.135  0.078   1.00 33.82 ? 140 HOH A O     1 
HETATM 681 O  O     . HOH D 4 .  ? -4.964  2.190   7.117   1.00 31.35 ? 141 HOH A O     1 
HETATM 682 O  O     . HOH D 4 .  ? -19.654 7.477   6.327   1.00 35.08 ? 142 HOH A O     1 
HETATM 683 O  O     . HOH D 4 .  ? -6.102  9.779   -3.171  1.00 30.41 ? 143 HOH A O     1 
HETATM 684 O  O     . HOH D 4 .  ? -2.394  12.196  -9.281  1.00 41.45 ? 144 HOH A O     1 
HETATM 685 O  O     . HOH D 4 .  ? 9.293   0.598   1.919   1.00 29.71 ? 145 HOH A O     1 
HETATM 686 O  O     . HOH D 4 .  ? -2.514  4.197   1.285   0.50 35.23 ? 146 HOH A O     1 
HETATM 687 O  O     . HOH D 4 .  ? -5.342  1.873   -9.881  1.00 44.77 ? 147 HOH A O     1 
HETATM 688 O  O     . HOH D 4 .  ? -2.959  10.116  -7.794  1.00 46.36 ? 148 HOH A O     1 
HETATM 689 O  O     . HOH D 4 .  ? 3.399   -7.742  -0.253  1.00 35.47 ? 149 HOH A O     1 
HETATM 690 O  O     . HOH D 4 .  ? 0.886   13.103  -17.858 1.00 49.92 ? 150 HOH A O     1 
HETATM 691 O  O     . HOH D 4 .  ? -1.981  4.511   8.129   0.50 41.06 ? 151 HOH A O     1 
HETATM 692 O  O     . HOH D 4 .  ? 1.079   -1.014  15.404  1.00 38.89 ? 152 HOH A O     1 
HETATM 693 O  O     . HOH D 4 .  ? -3.195  11.734  -12.002 1.00 38.79 ? 154 HOH A O     1 
HETATM 694 O  O     . HOH D 4 .  ? -4.660  4.254   16.189  1.00 39.54 ? 155 HOH A O     1 
HETATM 695 O  O     . HOH D 4 .  ? 7.318   11.454  2.800   1.00 34.40 ? 156 HOH A O     1 
HETATM 696 O  O     . HOH D 4 .  ? -3.515  7.243   -6.772  1.00 32.35 ? 157 HOH A O     1 
HETATM 697 O  O     . HOH D 4 .  ? 2.867   -10.304 -8.078  1.00 41.34 ? 158 HOH A O     1 
HETATM 698 O  O     . HOH D 4 .  ? -7.043  11.477  -4.969  1.00 45.66 ? 159 HOH A O     1 
HETATM 699 O  O     . HOH D 4 .  ? 8.612   3.727   3.693   1.00 48.02 ? 160 HOH A O     1 
HETATM 700 O  O     . HOH D 4 .  ? -6.315  7.994   -9.523  1.00 49.92 ? 161 HOH A O     1 
HETATM 701 O  O     . HOH D 4 .  ? 6.077   1.451   -8.787  1.00 31.23 ? 162 HOH A O     1 
HETATM 702 O  O     . HOH D 4 .  ? -0.520  12.478  0.793   1.00 41.21 ? 163 HOH A O     1 
HETATM 703 O  O     . HOH D 4 .  ? 13.255  -4.834  -0.794  1.00 49.92 ? 164 HOH A O     1 
HETATM 704 O  O     . HOH D 4 .  ? 2.085   15.360  -13.842 1.00 37.52 ? 165 HOH A O     1 
HETATM 705 O  O     . HOH D 4 .  ? -9.417  5.252   -10.099 1.00 49.92 ? 167 HOH A O     1 
HETATM 706 O  O     . HOH D 4 .  ? 6.758   1.043   -11.784 1.00 43.00 ? 168 HOH A O     1 
HETATM 707 O  O     . HOH D 4 .  ? -13.447 12.074  -1.562  1.00 46.74 ? 169 HOH A O     1 
HETATM 708 O  O     . HOH D 4 .  ? -12.955 9.503   6.600   1.00 44.49 ? 170 HOH A O     1 
HETATM 709 O  O     . HOH D 4 .  ? -13.121 6.283   15.072  1.00 49.92 ? 171 HOH A O     1 
HETATM 710 O  O     . HOH D 4 .  ? -6.787  -5.441  -5.226  1.00 41.89 ? 172 HOH A O     1 
HETATM 711 O  O     . HOH D 4 .  ? 0.655   6.730   8.555   1.00 49.92 ? 173 HOH A O     1 
HETATM 712 O  O     . HOH D 4 .  ? -5.111  -7.972  13.531  1.00 37.83 ? 174 HOH A O     1 
HETATM 713 O  O     . HOH D 4 .  ? 12.694  1.725   4.024   1.00 48.74 ? 175 HOH A O     1 
HETATM 714 O  O     . HOH D 4 .  ? -0.842  -6.964  -7.636  1.00 40.99 ? 177 HOH A O     1 
HETATM 715 O  O     . HOH D 4 .  ? -2.916  -1.154  15.747  0.50 31.45 ? 178 HOH A O     1 
HETATM 716 O  O     . HOH D 4 .  ? 11.948  -5.152  4.430   1.00 45.47 ? 179 HOH A O     1 
HETATM 717 O  O     . HOH D 4 .  ? -6.321  -11.792 11.942  0.50 39.94 ? 180 HOH A O     1 
HETATM 718 O  O     . HOH D 4 .  ? 6.268   -13.087 11.542  1.00 43.94 ? 181 HOH A O     1 
HETATM 719 O  O     . HOH D 4 .  ? -2.964  6.270   15.015  1.00 44.36 ? 182 HOH A O     1 
HETATM 720 O  O     . HOH D 4 .  ? -11.030 8.052   2.883   1.00 41.86 ? 183 HOH A O     1 
HETATM 721 O  O     . HOH D 4 .  ? -13.539 -0.501  6.151   1.00 28.92 ? 185 HOH A O     1 
HETATM 722 O  O     . HOH D 4 .  ? -6.823  3.742   4.387   1.00 49.25 ? 186 HOH A O     1 
HETATM 723 O  O     . HOH D 4 .  ? -10.463 -3.663  -6.548  1.00 42.87 ? 187 HOH A O     1 
HETATM 724 O  O     . HOH D 4 .  ? -5.305  4.178   8.090   1.00 35.09 ? 188 HOH A O     1 
HETATM 725 O  O     . HOH D 4 .  ? -8.477  1.437   5.506   1.00 33.14 ? 190 HOH A O     1 
HETATM 726 O  O     . HOH D 4 .  ? 6.556   0.931   4.504   0.50 48.67 ? 191 HOH A O     1 
HETATM 727 O  O     . HOH D 4 .  ? 5.670   -15.731 2.320   1.00 36.15 ? 192 HOH A O     1 
HETATM 728 O  O     . HOH D 4 .  ? 11.129  2.398   2.452   1.00 43.43 ? 193 HOH A O     1 
HETATM 729 O  O     . HOH D 4 .  ? -0.856  -14.184 6.223   1.00 47.02 ? 194 HOH A O     1 
HETATM 730 O  O     . HOH D 4 .  ? 8.265   -9.144  -1.398  1.00 35.28 ? 195 HOH A O     1 
HETATM 731 O  O     . HOH D 4 .  ? 14.336  1.176   -2.114  1.00 39.21 ? 196 HOH A O     1 
HETATM 732 O  O     . HOH D 4 .  ? 12.802  -8.280  -10.294 1.00 38.14 ? 197 HOH A O     1 
HETATM 733 O  O     . HOH D 4 .  ? -0.791  0.124   -17.968 1.00 49.92 ? 198 HOH A O     1 
HETATM 734 O  O     . HOH D 4 .  ? -1.536  -14.047 10.247  1.00 40.23 ? 199 HOH A O     1 
HETATM 735 O  O     . HOH D 4 .  ? -0.539  -13.745 2.925   1.00 47.08 ? 200 HOH A O     1 
HETATM 736 O  O     . HOH D 4 .  ? -6.036  -14.901 7.388   1.00 41.26 ? 202 HOH A O     1 
HETATM 737 O  O     . HOH D 4 .  ? 6.405   -1.145  -7.479  1.00 40.58 ? 203 HOH A O     1 
HETATM 738 O  O     . HOH D 4 .  ? 1.421   14.187  -15.723 1.00 49.92 ? 205 HOH A O     1 
HETATM 739 O  O     . HOH D 4 .  ? 8.704   -6.648  -4.475  1.00 43.36 ? 206 HOH A O     1 
HETATM 740 O  O     . HOH D 4 .  ? 6.290   -4.445  11.580  1.00 43.48 ? 209 HOH A O     1 
HETATM 741 O  O     . HOH D 4 .  ? -3.006  -4.012  -9.967  1.00 48.06 ? 210 HOH A O     1 
HETATM 742 O  O     . HOH D 4 .  ? -3.137  0.919   -9.580  1.00 33.92 ? 212 HOH A O     1 
HETATM 743 O  O     . HOH D 4 .  ? 1.762   5.152   10.490  1.00 49.92 ? 214 HOH A O     1 
HETATM 744 O  O     . HOH D 4 .  ? -5.914  -1.632  -9.686  1.00 46.71 ? 216 HOH A O     1 
HETATM 745 O  O     . HOH D 4 .  ? -2.303  13.927  -15.243 1.00 49.92 ? 217 HOH A O     1 
HETATM 746 O  O     . HOH D 4 .  ? 3.776   0.477   14.978  1.00 41.51 ? 218 HOH A O     1 
HETATM 747 O  O     . HOH D 4 .  ? 2.454   7.603   3.894   1.00 49.92 ? 219 HOH A O     1 
HETATM 748 O  O     . HOH D 4 .  ? 9.616   0.532   5.975   1.00 47.33 ? 220 HOH A O     1 
HETATM 749 O  O     . HOH D 4 .  ? 14.924  -2.007  -1.560  1.00 49.92 ? 221 HOH A O     1 
HETATM 750 O  O     . HOH D 4 .  ? 2.164   -8.895  -11.240 1.00 49.92 ? 222 HOH A O     1 
HETATM 751 O  O     . HOH D 4 .  ? -0.692  -2.866  -12.448 1.00 41.92 ? 223 HOH A O     1 
HETATM 752 O  O     . HOH D 4 .  ? 10.188  -3.966  9.127   1.00 48.77 ? 224 HOH A O     1 
HETATM 753 O  O     . HOH D 4 .  ? -14.667 12.125  5.020   1.00 49.92 ? 225 HOH A O     1 
HETATM 754 O  O     . HOH D 4 .  ? 9.877   -7.124  1.294   1.00 42.68 ? 226 HOH A O     1 
HETATM 755 O  O     . HOH D 4 .  ? 2.279   1.601   5.479   1.00 30.83 ? 228 HOH A O     1 
HETATM 756 O  O     . HOH D 4 .  ? -17.763 7.652   0.295   1.00 34.94 ? 229 HOH A O     1 
HETATM 757 O  O     . HOH D 4 .  ? -4.114  0.497   0.363   1.00 39.20 ? 230 HOH A O     1 
HETATM 758 O  O     . HOH D 4 .  ? -10.376 8.766   5.636   1.00 38.46 ? 232 HOH A O     1 
HETATM 759 O  O     . HOH D 4 .  ? -4.406  -13.635 9.313   1.00 40.26 ? 233 HOH A O     1 
HETATM 760 O  O     . HOH D 4 .  ? 7.586   3.667   -8.575  1.00 34.80 ? 234 HOH A O     1 
HETATM 761 O  O     . HOH D 4 .  ? -0.883  5.111   1.509   0.50 37.11 ? 235 HOH A O     1 
HETATM 762 O  O     . HOH D 4 .  ? -3.490  3.774   -12.515 1.00 42.28 ? 236 HOH A O     1 
HETATM 763 O  O     . HOH D 4 .  ? 2.866   8.962   -13.838 1.00 33.71 ? 237 HOH A O     1 
HETATM 764 O  O     . HOH D 4 .  ? 4.202   4.314   -18.243 1.00 49.92 ? 238 HOH A O     1 
HETATM 765 O  O     . HOH D 4 .  ? 3.683   -6.267  -14.016 1.00 49.92 ? 239 HOH A O     1 
HETATM 766 O  O     . HOH D 4 .  ? -16.148 11.651  0.394   1.00 49.92 ? 240 HOH A O     1 
# 
